data_1LU9
#
_entry.id   1LU9
#
_cell.length_a   133.130
_cell.length_b   85.240
_cell.length_c   92.370
_cell.angle_alpha   90.00
_cell.angle_beta   113.81
_cell.angle_gamma   90.00
#
_symmetry.space_group_name_H-M   'C 1 2 1'
#
loop_
_entity.id
_entity.type
_entity.pdbx_description
1 polymer 'Methylene Tetrahydromethanopterin Dehydrogenase'
2 water water
#
_entity_poly.entity_id   1
_entity_poly.type   'polypeptide(L)'
_entity_poly.pdbx_seq_one_letter_code
;SKKLLFQFDTDATPSVFDVVVGYDGGADHITGYGNVTPDNVGAYVDGTIYTRGGKEKQSTAIFVGGGDMAAGERVFEAVK
KRFFGPFRVSCMLDSNGSNTTAAAGVALVVKAAGGSVKGKKAVVLAGTGPVGMRSAALLAGEGAEVVLCGRKLDKAQAAA
DSVNKRFKVNVTAAETADDASRAEAVKGAHFVFTAGAIGLELLPQAAWQNESSIEIVADYNAQPPLGIGGIDATDKGKEY
GGKRAFGALGIGGLKLKLHRACIAKLFESSEGVFDAEEIYKLAKEMA
;
_entity_poly.pdbx_strand_id   A,B,C
#
# COMPACT_ATOMS: atom_id res chain seq x y z
N SER A 1 -17.80 -1.60 -9.45
CA SER A 1 -16.52 -1.75 -8.70
C SER A 1 -16.35 -0.66 -7.63
N LYS A 2 -15.59 -0.95 -6.56
CA LYS A 2 -15.41 0.07 -5.54
C LYS A 2 -14.71 1.27 -6.14
N LYS A 3 -15.05 2.45 -5.66
CA LYS A 3 -14.39 3.68 -6.14
C LYS A 3 -13.04 3.81 -5.44
N LEU A 4 -11.97 3.62 -6.20
CA LEU A 4 -10.62 3.65 -5.63
C LEU A 4 -9.86 4.92 -5.99
N LEU A 5 -9.49 5.70 -4.97
CA LEU A 5 -8.72 6.91 -5.21
C LEU A 5 -7.25 6.66 -4.89
N PHE A 6 -6.36 6.97 -5.85
CA PHE A 6 -4.94 6.82 -5.61
C PHE A 6 -4.37 8.22 -5.43
N GLN A 7 -3.82 8.40 -4.24
CA GLN A 7 -3.28 9.71 -3.85
C GLN A 7 -1.78 9.68 -4.00
N PHE A 8 -1.29 10.53 -4.88
CA PHE A 8 0.15 10.67 -5.14
C PHE A 8 0.58 12.04 -4.57
N ASP A 9 1.34 12.02 -3.49
CA ASP A 9 1.75 13.24 -2.81
C ASP A 9 3.27 13.44 -3.02
N THR A 10 3.67 14.67 -3.29
CA THR A 10 5.07 14.98 -3.54
C THR A 10 5.85 15.14 -2.23
N ASP A 11 5.16 15.26 -1.10
CA ASP A 11 5.79 15.37 0.24
C ASP A 11 6.14 13.95 0.69
N ALA A 12 6.89 13.82 1.79
CA ALA A 12 7.33 12.50 2.28
C ALA A 12 6.21 11.52 2.63
N THR A 13 5.06 12.03 3.09
CA THR A 13 3.93 11.18 3.41
C THR A 13 2.65 11.88 2.86
N PRO A 14 1.58 11.10 2.58
CA PRO A 14 0.35 11.72 2.06
C PRO A 14 -0.38 12.65 3.03
N SER A 15 -0.87 13.77 2.51
CA SER A 15 -1.63 14.74 3.29
C SER A 15 -2.84 14.14 3.99
N VAL A 16 -2.92 14.33 5.31
CA VAL A 16 -4.09 13.81 6.06
C VAL A 16 -5.31 14.60 5.59
N PHE A 17 -5.10 15.89 5.39
CA PHE A 17 -6.19 16.76 4.99
C PHE A 17 -6.91 16.20 3.74
N ASP A 18 -6.11 15.93 2.68
CA ASP A 18 -6.63 15.40 1.42
C ASP A 18 -7.33 14.04 1.59
N VAL A 19 -6.83 13.25 2.53
CA VAL A 19 -7.49 11.96 2.77
C VAL A 19 -8.95 12.11 3.29
N VAL A 20 -9.13 12.94 4.32
CA VAL A 20 -10.49 13.11 4.88
C VAL A 20 -11.45 13.66 3.78
N VAL A 21 -11.03 14.74 3.12
CA VAL A 21 -11.88 15.32 2.08
C VAL A 21 -12.17 14.30 0.98
N GLY A 22 -11.16 13.48 0.63
CA GLY A 22 -11.36 12.47 -0.38
C GLY A 22 -12.47 11.51 0.02
N TYR A 23 -12.43 11.03 1.26
CA TYR A 23 -13.48 10.13 1.71
C TYR A 23 -14.82 10.86 1.78
N ASP A 24 -14.82 12.10 2.22
CA ASP A 24 -16.12 12.76 2.25
C ASP A 24 -16.62 13.10 0.84
N GLY A 25 -15.73 12.95 -0.15
CA GLY A 25 -16.07 13.21 -1.53
C GLY A 25 -16.61 11.95 -2.21
N GLY A 26 -16.65 10.84 -1.46
CA GLY A 26 -17.21 9.62 -2.02
C GLY A 26 -16.25 8.49 -2.36
N ALA A 27 -14.94 8.70 -2.23
CA ALA A 27 -14.02 7.59 -2.54
C ALA A 27 -14.39 6.46 -1.57
N ASP A 28 -14.35 5.20 -2.04
CA ASP A 28 -14.63 4.05 -1.17
C ASP A 28 -13.31 3.66 -0.48
N HIS A 29 -12.19 3.87 -1.17
CA HIS A 29 -10.88 3.55 -0.62
C HIS A 29 -9.86 4.52 -1.14
N ILE A 30 -8.97 4.99 -0.28
CA ILE A 30 -7.91 5.88 -0.71
C ILE A 30 -6.58 5.20 -0.36
N THR A 31 -5.71 5.09 -1.35
CA THR A 31 -4.39 4.46 -1.17
C THR A 31 -3.36 5.55 -1.49
N GLY A 32 -2.59 5.94 -0.47
CA GLY A 32 -1.64 7.01 -0.69
C GLY A 32 -0.18 6.68 -0.70
N TYR A 33 0.54 7.43 -1.53
CA TYR A 33 1.98 7.30 -1.70
C TYR A 33 2.62 8.68 -1.50
N GLY A 34 3.77 8.72 -0.81
CA GLY A 34 4.49 9.95 -0.62
C GLY A 34 5.73 9.83 -1.52
N ASN A 35 6.55 10.88 -1.54
CA ASN A 35 7.74 10.89 -2.36
C ASN A 35 7.50 10.64 -3.85
N VAL A 36 6.33 11.00 -4.38
CA VAL A 36 6.08 10.76 -5.80
C VAL A 36 6.81 11.80 -6.67
N THR A 37 7.42 11.33 -7.75
CA THR A 37 8.13 12.21 -8.68
C THR A 37 7.72 11.87 -10.10
N PRO A 38 8.10 12.70 -11.10
CA PRO A 38 7.76 12.42 -12.50
C PRO A 38 8.37 11.07 -12.94
N ASP A 39 9.49 10.68 -12.34
CA ASP A 39 10.11 9.41 -12.71
C ASP A 39 9.37 8.19 -12.19
N ASN A 40 8.94 8.19 -10.92
CA ASN A 40 8.27 7.01 -10.39
C ASN A 40 6.77 6.91 -10.52
N VAL A 41 6.11 8.01 -10.88
CA VAL A 41 4.67 7.94 -10.95
C VAL A 41 4.18 7.10 -12.10
N GLY A 42 5.02 6.95 -13.14
CA GLY A 42 4.60 6.17 -14.27
C GLY A 42 4.11 4.78 -13.93
N ALA A 43 4.89 4.04 -13.16
CA ALA A 43 4.52 2.70 -12.79
C ALA A 43 3.23 2.71 -11.99
N TYR A 44 3.01 3.74 -11.18
CA TYR A 44 1.80 3.82 -10.38
C TYR A 44 0.58 3.97 -11.30
N VAL A 45 0.71 4.86 -12.30
CA VAL A 45 -0.36 5.11 -13.23
C VAL A 45 -0.71 3.84 -14.04
N ASP A 46 0.32 3.07 -14.36
CA ASP A 46 0.11 1.83 -15.08
C ASP A 46 -0.86 0.94 -14.29
N GLY A 47 -0.64 0.87 -12.98
CA GLY A 47 -1.52 0.10 -12.10
C GLY A 47 -2.98 0.55 -12.17
N THR A 48 -3.22 1.83 -12.45
CA THR A 48 -4.61 2.32 -12.55
C THR A 48 -5.26 2.11 -13.93
N ILE A 49 -4.45 2.02 -14.99
CA ILE A 49 -5.03 1.84 -16.34
C ILE A 49 -4.99 0.44 -16.93
N TYR A 50 -4.38 -0.53 -16.26
CA TYR A 50 -4.34 -1.88 -16.81
C TYR A 50 -5.00 -2.92 -15.91
N THR A 51 -5.81 -2.47 -14.97
CA THR A 51 -6.45 -3.42 -14.05
C THR A 51 -7.95 -3.51 -14.16
N ARG A 52 -8.55 -2.52 -14.79
CA ARG A 52 -10.00 -2.46 -14.95
C ARG A 52 -10.37 -2.12 -16.37
N GLY A 53 -11.42 -2.74 -16.90
CA GLY A 53 -11.78 -2.47 -18.28
C GLY A 53 -13.21 -1.99 -18.44
N GLY A 54 -13.51 -1.46 -19.62
CA GLY A 54 -14.87 -1.00 -19.86
C GLY A 54 -15.27 0.19 -19.01
N LYS A 55 -16.53 0.18 -18.56
CA LYS A 55 -17.03 1.29 -17.76
C LYS A 55 -16.45 1.23 -16.35
N GLU A 56 -15.80 0.12 -16.01
CA GLU A 56 -15.20 -0.03 -14.68
C GLU A 56 -14.03 0.92 -14.49
N LYS A 57 -13.45 1.42 -15.58
CA LYS A 57 -12.34 2.35 -15.49
C LYS A 57 -12.66 3.61 -14.69
N GLN A 58 -13.85 4.15 -14.86
CA GLN A 58 -14.21 5.35 -14.14
C GLN A 58 -14.25 5.17 -12.63
N SER A 59 -14.16 3.92 -12.15
CA SER A 59 -14.17 3.71 -10.70
C SER A 59 -12.80 3.75 -10.01
N THR A 60 -11.78 4.15 -10.74
CA THR A 60 -10.46 4.35 -10.19
C THR A 60 -10.12 5.76 -10.65
N ALA A 61 -9.49 6.54 -9.77
CA ALA A 61 -9.13 7.92 -10.09
C ALA A 61 -7.80 8.28 -9.39
N ILE A 62 -7.19 9.37 -9.83
CA ILE A 62 -5.92 9.82 -9.32
C ILE A 62 -6.00 11.24 -8.75
N PHE A 63 -5.34 11.44 -7.62
CA PHE A 63 -5.29 12.76 -6.99
C PHE A 63 -3.82 13.04 -6.70
N VAL A 64 -3.32 14.14 -7.22
CA VAL A 64 -1.95 14.53 -7.01
C VAL A 64 -1.95 15.73 -6.08
N GLY A 65 -1.12 15.68 -5.03
CA GLY A 65 -1.07 16.81 -4.12
C GLY A 65 0.29 16.97 -3.45
N GLY A 66 0.32 17.71 -2.35
CA GLY A 66 1.58 17.95 -1.65
C GLY A 66 1.72 19.46 -1.51
N GLY A 67 2.77 19.91 -0.81
CA GLY A 67 2.98 21.33 -0.59
C GLY A 67 3.64 22.13 -1.71
N ASP A 68 4.57 21.53 -2.43
CA ASP A 68 5.29 22.21 -3.49
C ASP A 68 4.44 22.23 -4.76
N MET A 69 3.84 23.36 -5.10
CA MET A 69 2.98 23.40 -6.26
C MET A 69 3.67 23.04 -7.56
N ALA A 70 4.86 23.58 -7.81
CA ALA A 70 5.54 23.24 -9.07
C ALA A 70 5.84 21.73 -9.12
N ALA A 71 6.27 21.14 -8.01
CA ALA A 71 6.52 19.70 -7.96
C ALA A 71 5.23 18.93 -8.36
N GLY A 72 4.08 19.34 -7.81
CA GLY A 72 2.82 18.68 -8.15
C GLY A 72 2.50 18.88 -9.63
N GLU A 73 2.73 20.07 -10.17
CA GLU A 73 2.44 20.28 -11.60
C GLU A 73 3.31 19.34 -12.44
N ARG A 74 4.56 19.15 -12.06
CA ARG A 74 5.39 18.23 -12.85
C ARG A 74 4.89 16.78 -12.75
N VAL A 75 4.40 16.36 -11.57
CA VAL A 75 3.90 15.00 -11.45
C VAL A 75 2.60 14.86 -12.26
N PHE A 76 1.76 15.89 -12.18
CA PHE A 76 0.50 15.88 -12.89
C PHE A 76 0.73 15.76 -14.41
N GLU A 77 1.69 16.52 -14.93
CA GLU A 77 1.98 16.42 -16.37
C GLU A 77 2.46 14.99 -16.72
N ALA A 78 3.29 14.39 -15.86
CA ALA A 78 3.79 13.03 -16.07
C ALA A 78 2.67 12.00 -15.98
N VAL A 79 1.63 12.29 -15.21
CA VAL A 79 0.51 11.35 -15.09
C VAL A 79 -0.25 11.35 -16.43
N LYS A 80 -0.58 12.54 -16.91
CA LYS A 80 -1.31 12.64 -18.17
C LYS A 80 -0.46 12.02 -19.31
N LYS A 81 0.83 12.24 -19.27
CA LYS A 81 1.69 11.73 -20.32
C LYS A 81 1.67 10.19 -20.38
N ARG A 82 1.35 9.54 -19.25
CA ARG A 82 1.35 8.07 -19.18
C ARG A 82 0.11 7.45 -19.83
N PHE A 83 -0.99 8.21 -19.83
CA PHE A 83 -2.21 7.78 -20.46
C PHE A 83 -2.05 7.63 -21.97
N PHE A 84 -2.88 6.80 -22.59
CA PHE A 84 -2.87 6.68 -24.05
C PHE A 84 -4.13 6.02 -24.55
N GLY A 85 -4.72 6.66 -25.54
CA GLY A 85 -5.96 6.18 -26.09
C GLY A 85 -6.98 6.19 -24.96
N PRO A 86 -7.69 5.08 -24.78
CA PRO A 86 -8.70 4.97 -23.73
C PRO A 86 -8.08 4.48 -22.43
N PHE A 87 -6.78 4.26 -22.43
CA PHE A 87 -6.13 3.81 -21.20
C PHE A 87 -5.80 5.04 -20.36
N ARG A 88 -6.78 5.47 -19.55
CA ARG A 88 -6.67 6.64 -18.69
C ARG A 88 -7.76 6.57 -17.64
N VAL A 89 -7.64 7.40 -16.59
CA VAL A 89 -8.64 7.48 -15.53
C VAL A 89 -8.69 8.96 -15.24
N SER A 90 -9.72 9.41 -14.53
CA SER A 90 -9.83 10.83 -14.21
C SER A 90 -8.70 11.19 -13.21
N CYS A 91 -8.25 12.44 -13.25
CA CYS A 91 -7.19 12.87 -12.31
C CYS A 91 -7.44 14.30 -11.84
N MET A 92 -6.91 14.62 -10.67
CA MET A 92 -7.12 15.93 -10.10
C MET A 92 -5.80 16.38 -9.49
N LEU A 93 -5.57 17.68 -9.52
CA LEU A 93 -4.37 18.26 -8.93
C LEU A 93 -4.82 19.33 -7.94
N ASP A 94 -4.25 19.30 -6.73
CA ASP A 94 -4.57 20.27 -5.68
C ASP A 94 -3.45 20.14 -4.62
N SER A 95 -2.53 21.10 -4.58
CA SER A 95 -1.41 21.09 -3.64
C SER A 95 -1.76 22.00 -2.46
N ASN A 96 -2.21 21.37 -1.37
CA ASN A 96 -2.68 22.06 -0.19
C ASN A 96 -3.66 23.16 -0.61
N GLY A 97 -4.64 22.77 -1.44
CA GLY A 97 -5.66 23.71 -1.89
C GLY A 97 -5.26 24.77 -2.91
N SER A 98 -4.10 24.63 -3.55
CA SER A 98 -3.66 25.60 -4.56
C SER A 98 -4.79 25.91 -5.51
N ASN A 99 -5.41 24.86 -6.06
CA ASN A 99 -6.56 25.06 -6.94
C ASN A 99 -7.89 25.29 -6.28
N THR A 100 -8.28 24.42 -5.33
CA THR A 100 -9.61 24.55 -4.70
C THR A 100 -9.81 25.82 -3.89
N THR A 101 -8.77 26.26 -3.16
CA THR A 101 -8.96 27.49 -2.41
C THR A 101 -9.04 28.73 -3.34
N ALA A 102 -8.11 28.83 -4.27
CA ALA A 102 -8.04 29.96 -5.19
C ALA A 102 -9.37 30.00 -6.01
N ALA A 103 -9.82 28.85 -6.49
CA ALA A 103 -11.08 28.84 -7.25
C ALA A 103 -12.28 29.29 -6.40
N ALA A 104 -12.37 28.84 -5.15
CA ALA A 104 -13.46 29.24 -4.27
C ALA A 104 -13.41 30.74 -4.05
N GLY A 105 -12.21 31.26 -3.81
CA GLY A 105 -12.10 32.69 -3.58
C GLY A 105 -12.44 33.57 -4.78
N VAL A 106 -11.82 33.27 -5.92
CA VAL A 106 -12.09 34.04 -7.13
C VAL A 106 -13.57 33.90 -7.56
N ALA A 107 -14.16 32.70 -7.44
CA ALA A 107 -15.54 32.53 -7.86
C ALA A 107 -16.47 33.36 -6.98
N LEU A 108 -16.17 33.45 -5.69
CA LEU A 108 -17.04 34.23 -4.81
C LEU A 108 -16.89 35.73 -5.12
N VAL A 109 -15.66 36.17 -5.39
CA VAL A 109 -15.41 37.57 -5.70
C VAL A 109 -16.06 37.99 -7.03
N VAL A 110 -15.90 37.18 -8.08
CA VAL A 110 -16.48 37.44 -9.41
C VAL A 110 -18.01 37.47 -9.30
N LYS A 111 -18.57 36.57 -8.50
CA LYS A 111 -20.01 36.51 -8.31
C LYS A 111 -20.49 37.80 -7.61
N ALA A 112 -19.76 38.21 -6.57
CA ALA A 112 -20.14 39.40 -5.82
C ALA A 112 -19.97 40.66 -6.67
N ALA A 113 -19.10 40.59 -7.67
CA ALA A 113 -18.87 41.74 -8.53
C ALA A 113 -19.92 41.83 -9.62
N GLY A 114 -20.84 40.88 -9.63
CA GLY A 114 -21.89 40.88 -10.64
C GLY A 114 -21.61 39.97 -11.83
N GLY A 115 -20.66 39.04 -11.70
CA GLY A 115 -20.40 38.11 -12.80
C GLY A 115 -19.25 38.41 -13.74
N SER A 116 -18.74 39.63 -13.68
CA SER A 116 -17.63 40.00 -14.52
C SER A 116 -16.68 40.92 -13.78
N VAL A 117 -15.41 40.75 -14.08
CA VAL A 117 -14.35 41.58 -13.50
C VAL A 117 -13.51 41.99 -14.72
N LYS A 118 -14.08 41.78 -15.90
CA LYS A 118 -13.36 42.08 -17.13
C LYS A 118 -12.90 43.53 -17.20
N GLY A 119 -11.62 43.72 -17.49
CA GLY A 119 -11.06 45.05 -17.60
C GLY A 119 -10.79 45.84 -16.32
N LYS A 120 -11.08 45.25 -15.17
CA LYS A 120 -10.82 45.94 -13.90
C LYS A 120 -9.48 45.54 -13.30
N LYS A 121 -9.00 46.30 -12.33
CA LYS A 121 -7.71 46.02 -11.73
C LYS A 121 -7.76 45.15 -10.49
N ALA A 122 -6.98 44.08 -10.51
CA ALA A 122 -6.93 43.21 -9.35
C ALA A 122 -5.50 43.16 -8.86
N VAL A 123 -5.34 43.23 -7.55
CA VAL A 123 -4.03 43.17 -6.94
C VAL A 123 -4.01 42.00 -5.96
N VAL A 124 -2.99 41.16 -6.12
CA VAL A 124 -2.82 40.04 -5.22
C VAL A 124 -1.55 40.29 -4.38
N LEU A 125 -1.76 40.66 -3.11
CA LEU A 125 -0.68 40.92 -2.16
C LEU A 125 -0.11 39.56 -1.67
N ALA A 126 1.21 39.50 -1.49
CA ALA A 126 1.91 38.25 -1.10
C ALA A 126 1.37 37.14 -2.04
N GLY A 127 1.45 37.36 -3.35
CA GLY A 127 0.92 36.40 -4.32
C GLY A 127 1.88 35.40 -4.96
N THR A 128 3.05 35.18 -4.36
CA THR A 128 4.02 34.25 -4.96
C THR A 128 3.85 32.80 -4.48
N GLY A 129 2.93 32.58 -3.53
CA GLY A 129 2.63 31.24 -3.04
C GLY A 129 1.61 30.57 -3.97
N PRO A 130 1.29 29.26 -3.78
CA PRO A 130 0.34 28.55 -4.63
C PRO A 130 -1.04 29.16 -4.81
N VAL A 131 -1.71 29.43 -3.73
CA VAL A 131 -3.05 30.02 -3.83
C VAL A 131 -3.00 31.42 -4.44
N GLY A 132 -1.96 32.19 -4.11
CA GLY A 132 -1.81 33.53 -4.71
C GLY A 132 -1.63 33.45 -6.24
N MET A 133 -0.72 32.58 -6.68
CA MET A 133 -0.48 32.43 -8.10
C MET A 133 -1.74 31.88 -8.86
N ARG A 134 -2.40 30.85 -8.32
CA ARG A 134 -3.61 30.35 -9.03
C ARG A 134 -4.72 31.41 -8.98
N SER A 135 -4.74 32.22 -7.93
CA SER A 135 -5.77 33.25 -7.87
C SER A 135 -5.52 34.25 -9.01
N ALA A 136 -4.26 34.66 -9.12
CA ALA A 136 -3.85 35.59 -10.17
C ALA A 136 -4.22 35.05 -11.57
N ALA A 137 -4.04 33.75 -11.73
CA ALA A 137 -4.29 33.11 -13.00
C ALA A 137 -5.76 33.12 -13.37
N LEU A 138 -6.60 32.78 -12.40
CA LEU A 138 -8.05 32.72 -12.60
C LEU A 138 -8.60 34.11 -12.89
N LEU A 139 -8.09 35.10 -12.14
CA LEU A 139 -8.50 36.51 -12.30
C LEU A 139 -8.09 36.98 -13.72
N ALA A 140 -6.88 36.62 -14.13
CA ALA A 140 -6.41 36.98 -15.48
C ALA A 140 -7.28 36.26 -16.53
N GLY A 141 -7.60 34.99 -16.30
CA GLY A 141 -8.48 34.27 -17.21
C GLY A 141 -9.85 34.98 -17.33
N GLU A 142 -10.32 35.61 -16.26
CA GLU A 142 -11.60 36.35 -16.25
C GLU A 142 -11.46 37.75 -16.89
N GLY A 143 -10.30 38.04 -17.46
CA GLY A 143 -10.10 39.32 -18.12
C GLY A 143 -9.65 40.44 -17.23
N ALA A 144 -9.39 40.15 -15.96
CA ALA A 144 -8.94 41.21 -15.07
C ALA A 144 -7.51 41.57 -15.35
N GLU A 145 -7.14 42.82 -15.09
CA GLU A 145 -5.77 43.29 -15.25
C GLU A 145 -5.16 42.97 -13.87
N VAL A 146 -4.16 42.09 -13.81
CA VAL A 146 -3.61 41.65 -12.52
C VAL A 146 -2.20 41.99 -12.14
N VAL A 147 -2.04 42.48 -10.92
CA VAL A 147 -0.71 42.78 -10.43
C VAL A 147 -0.40 41.79 -9.30
N LEU A 148 0.58 40.94 -9.52
CA LEU A 148 0.99 39.93 -8.52
C LEU A 148 2.18 40.53 -7.74
N CYS A 149 1.97 40.74 -6.44
CA CYS A 149 2.98 41.33 -5.56
C CYS A 149 3.80 40.38 -4.70
N GLY A 150 5.06 40.74 -4.50
CA GLY A 150 5.95 39.95 -3.66
C GLY A 150 6.98 40.84 -2.98
N ARG A 151 7.54 40.36 -1.89
CA ARG A 151 8.55 41.10 -1.15
C ARG A 151 9.75 41.49 -2.02
N LYS A 152 10.14 40.59 -2.92
CA LYS A 152 11.24 40.86 -3.83
C LYS A 152 10.72 40.70 -5.24
N LEU A 153 11.09 41.67 -6.06
CA LEU A 153 10.66 41.72 -7.45
C LEU A 153 10.97 40.48 -8.29
N ASP A 154 12.15 39.90 -8.13
CA ASP A 154 12.48 38.73 -8.92
C ASP A 154 11.56 37.54 -8.62
N LYS A 155 11.19 37.37 -7.35
CA LYS A 155 10.30 36.29 -6.95
C LYS A 155 8.88 36.52 -7.48
N ALA A 156 8.47 37.78 -7.44
CA ALA A 156 7.13 38.16 -7.92
C ALA A 156 7.12 37.93 -9.43
N GLN A 157 8.20 38.33 -10.08
CA GLN A 157 8.25 38.14 -11.53
C GLN A 157 8.34 36.65 -11.89
N ALA A 158 9.09 35.87 -11.15
CA ALA A 158 9.18 34.43 -11.45
C ALA A 158 7.76 33.82 -11.29
N ALA A 159 7.04 34.29 -10.27
CA ALA A 159 5.69 33.80 -10.03
C ALA A 159 4.79 34.18 -11.22
N ALA A 160 4.87 35.44 -11.65
CA ALA A 160 4.06 35.88 -12.79
C ALA A 160 4.42 35.12 -14.07
N ASP A 161 5.72 34.86 -14.26
CA ASP A 161 6.19 34.13 -15.44
C ASP A 161 5.58 32.74 -15.49
N SER A 162 5.53 32.10 -14.32
CA SER A 162 5.01 30.76 -14.21
C SER A 162 3.53 30.76 -14.59
N VAL A 163 2.79 31.69 -14.00
CA VAL A 163 1.38 31.86 -14.28
C VAL A 163 1.12 32.15 -15.77
N ASN A 164 1.85 33.12 -16.29
CA ASN A 164 1.69 33.51 -17.68
C ASN A 164 1.93 32.37 -18.68
N LYS A 165 2.92 31.54 -18.41
CA LYS A 165 3.25 30.45 -19.32
C LYS A 165 2.19 29.34 -19.24
N ARG A 166 1.83 28.98 -18.02
CA ARG A 166 0.87 27.90 -17.79
C ARG A 166 -0.51 28.27 -18.27
N PHE A 167 -0.90 29.51 -18.05
CA PHE A 167 -2.24 29.96 -18.40
C PHE A 167 -2.41 30.88 -19.62
N LYS A 168 -1.31 31.23 -20.28
CA LYS A 168 -1.39 32.08 -21.48
C LYS A 168 -2.03 33.43 -21.19
N VAL A 169 -1.56 34.09 -20.14
CA VAL A 169 -2.10 35.40 -19.75
C VAL A 169 -0.95 36.36 -19.55
N ASN A 170 -1.28 37.56 -19.10
CA ASN A 170 -0.23 38.51 -18.89
C ASN A 170 -0.37 39.26 -17.58
N VAL A 171 -0.11 38.52 -16.51
CA VAL A 171 -0.13 39.04 -15.15
C VAL A 171 1.18 39.82 -15.02
N THR A 172 1.12 40.96 -14.35
CA THR A 172 2.29 41.82 -14.10
C THR A 172 2.81 41.64 -12.66
N ALA A 173 4.10 41.82 -12.45
CA ALA A 173 4.70 41.65 -11.13
C ALA A 173 5.07 42.98 -10.51
N ALA A 174 5.12 43.04 -9.18
CA ALA A 174 5.53 44.26 -8.48
C ALA A 174 6.18 43.89 -7.17
N GLU A 175 7.17 44.67 -6.79
CA GLU A 175 7.82 44.47 -5.51
C GLU A 175 7.07 45.36 -4.50
N THR A 176 6.76 44.81 -3.34
CA THR A 176 6.10 45.55 -2.26
C THR A 176 6.88 45.04 -1.06
N ALA A 177 8.02 45.69 -0.75
CA ALA A 177 8.86 45.20 0.35
C ALA A 177 8.36 45.47 1.78
N ASP A 178 7.48 46.46 1.93
CA ASP A 178 6.93 46.78 3.25
C ASP A 178 5.47 47.17 3.24
N ASP A 179 4.93 47.40 4.44
CA ASP A 179 3.53 47.78 4.58
C ASP A 179 3.20 49.02 3.74
N ALA A 180 4.11 50.00 3.73
CA ALA A 180 3.85 51.20 2.94
C ALA A 180 3.66 50.86 1.45
N SER A 181 4.55 50.02 0.90
CA SER A 181 4.45 49.65 -0.51
C SER A 181 3.20 48.83 -0.81
N ARG A 182 2.77 47.99 0.14
CA ARG A 182 1.55 47.20 -0.08
C ARG A 182 0.35 48.17 -0.13
N ALA A 183 0.32 49.13 0.78
CA ALA A 183 -0.78 50.11 0.81
C ALA A 183 -0.82 50.92 -0.48
N GLU A 184 0.35 51.20 -1.03
CA GLU A 184 0.42 51.96 -2.27
C GLU A 184 -0.08 51.11 -3.43
N ALA A 185 0.37 49.84 -3.48
CA ALA A 185 -0.01 48.94 -4.56
C ALA A 185 -1.49 48.80 -4.77
N VAL A 186 -2.28 48.96 -3.72
CA VAL A 186 -3.72 48.79 -3.87
C VAL A 186 -4.45 50.04 -4.35
N LYS A 187 -3.75 51.16 -4.43
CA LYS A 187 -4.44 52.37 -4.86
C LYS A 187 -4.91 52.21 -6.30
N GLY A 188 -6.17 52.58 -6.51
CA GLY A 188 -6.75 52.47 -7.83
C GLY A 188 -7.22 51.07 -8.19
N ALA A 189 -7.05 50.11 -7.28
CA ALA A 189 -7.47 48.76 -7.60
C ALA A 189 -8.95 48.59 -7.30
N HIS A 190 -9.57 47.62 -7.98
CA HIS A 190 -10.96 47.31 -7.75
C HIS A 190 -11.12 46.08 -6.86
N PHE A 191 -10.18 45.16 -7.00
CA PHE A 191 -10.24 43.94 -6.21
C PHE A 191 -8.92 43.64 -5.56
N VAL A 192 -8.97 43.25 -4.28
CA VAL A 192 -7.73 42.97 -3.57
C VAL A 192 -7.79 41.65 -2.86
N PHE A 193 -6.78 40.81 -3.10
CA PHE A 193 -6.64 39.54 -2.44
C PHE A 193 -5.35 39.57 -1.63
N THR A 194 -5.38 38.98 -0.43
CA THR A 194 -4.16 38.84 0.40
C THR A 194 -3.97 37.30 0.53
N ALA A 195 -2.83 36.80 0.07
CA ALA A 195 -2.55 35.36 0.11
C ALA A 195 -1.25 35.12 0.88
N GLY A 196 -1.10 35.89 1.95
CA GLY A 196 0.12 35.84 2.77
C GLY A 196 0.20 34.76 3.82
N ALA A 197 1.21 34.86 4.67
CA ALA A 197 1.46 33.86 5.71
C ALA A 197 0.36 33.76 6.71
N ILE A 198 0.28 32.61 7.37
CA ILE A 198 -0.73 32.43 8.40
C ILE A 198 -0.45 33.40 9.58
N GLY A 199 -1.49 34.02 10.13
CA GLY A 199 -1.33 34.92 11.24
C GLY A 199 -0.56 36.20 10.95
N LEU A 200 -0.75 36.76 9.76
CA LEU A 200 -0.05 37.99 9.45
C LEU A 200 -0.92 38.98 8.70
N GLU A 201 -0.94 40.21 9.21
CA GLU A 201 -1.69 41.28 8.54
C GLU A 201 -0.87 41.93 7.43
N LEU A 202 -1.48 42.12 6.26
CA LEU A 202 -0.83 42.73 5.10
C LEU A 202 -1.49 44.04 4.69
N LEU A 203 -2.72 44.26 5.13
CA LEU A 203 -3.42 45.46 4.71
C LEU A 203 -4.38 45.95 5.77
N PRO A 204 -3.90 46.83 6.65
CA PRO A 204 -4.71 47.39 7.73
C PRO A 204 -6.00 48.04 7.17
N GLN A 205 -6.99 48.16 8.02
CA GLN A 205 -8.27 48.78 7.67
C GLN A 205 -8.08 50.12 6.94
N ALA A 206 -7.18 50.93 7.47
CA ALA A 206 -6.93 52.25 6.90
C ALA A 206 -6.33 52.21 5.51
N ALA A 207 -5.78 51.06 5.11
CA ALA A 207 -5.17 51.02 3.79
C ALA A 207 -6.15 50.55 2.70
N TRP A 208 -7.36 50.13 3.07
CA TRP A 208 -8.30 49.74 2.03
C TRP A 208 -9.68 50.39 2.14
N GLN A 209 -10.10 50.70 3.36
CA GLN A 209 -11.43 51.29 3.51
C GLN A 209 -11.64 52.70 2.99
N ASN A 210 -10.56 53.44 2.80
CA ASN A 210 -10.68 54.82 2.28
C ASN A 210 -10.24 54.95 0.82
N GLU A 211 -10.04 53.81 0.15
CA GLU A 211 -9.65 53.84 -1.26
C GLU A 211 -10.96 53.65 -2.05
N SER A 212 -11.44 54.73 -2.65
CA SER A 212 -12.71 54.66 -3.38
C SER A 212 -12.83 53.60 -4.47
N SER A 213 -11.75 53.37 -5.22
CA SER A 213 -11.78 52.37 -6.27
C SER A 213 -12.06 50.94 -5.74
N ILE A 214 -11.53 50.59 -4.57
CA ILE A 214 -11.73 49.23 -4.04
C ILE A 214 -13.18 48.83 -3.85
N GLU A 215 -13.60 47.77 -4.54
CA GLU A 215 -14.97 47.24 -4.45
C GLU A 215 -15.10 46.00 -3.54
N ILE A 216 -14.14 45.08 -3.66
CA ILE A 216 -14.18 43.86 -2.86
C ILE A 216 -12.78 43.41 -2.39
N VAL A 217 -12.71 42.86 -1.19
CA VAL A 217 -11.43 42.36 -0.72
C VAL A 217 -11.62 40.93 -0.28
N ALA A 218 -10.59 40.11 -0.45
CA ALA A 218 -10.66 38.70 -0.10
C ALA A 218 -9.34 38.33 0.58
N ASP A 219 -9.42 37.52 1.63
CA ASP A 219 -8.24 37.16 2.40
C ASP A 219 -8.19 35.65 2.67
N TYR A 220 -7.05 35.03 2.35
CA TYR A 220 -6.86 33.61 2.54
C TYR A 220 -6.26 33.22 3.85
N ASN A 221 -5.89 34.20 4.67
CA ASN A 221 -5.31 33.85 5.98
C ASN A 221 -6.44 33.78 7.02
N ALA A 222 -6.68 32.61 7.59
CA ALA A 222 -7.77 32.49 8.58
C ALA A 222 -7.30 32.69 10.04
N GLN A 223 -6.00 32.80 10.27
CA GLN A 223 -5.48 32.97 11.63
C GLN A 223 -5.18 34.42 11.98
N PRO A 224 -5.87 34.97 12.99
CA PRO A 224 -5.69 36.35 13.43
C PRO A 224 -4.23 36.55 13.88
N PRO A 225 -3.65 37.71 13.58
CA PRO A 225 -4.25 38.84 12.84
C PRO A 225 -4.46 38.44 11.36
N LEU A 226 -5.67 38.67 10.85
CA LEU A 226 -6.00 38.33 9.47
C LEU A 226 -5.20 39.19 8.46
N GLY A 227 -5.07 38.68 7.23
CA GLY A 227 -4.36 39.42 6.19
C GLY A 227 -4.99 40.78 5.94
N ILE A 228 -6.31 40.85 6.05
CA ILE A 228 -7.02 42.13 5.82
C ILE A 228 -7.56 42.60 7.15
N GLY A 229 -7.18 43.81 7.52
CA GLY A 229 -7.63 44.34 8.79
C GLY A 229 -9.04 44.85 8.77
N GLY A 230 -9.72 44.71 9.92
CA GLY A 230 -11.07 45.20 10.06
C GLY A 230 -12.17 44.28 9.61
N ILE A 231 -11.84 43.05 9.23
CA ILE A 231 -12.88 42.12 8.81
C ILE A 231 -12.85 40.90 9.70
N ASP A 232 -13.85 40.03 9.60
CA ASP A 232 -13.78 38.79 10.36
C ASP A 232 -13.52 37.63 9.38
N ALA A 233 -12.85 36.59 9.83
CA ALA A 233 -12.54 35.47 8.94
C ALA A 233 -13.80 34.81 8.37
N THR A 234 -14.93 34.93 9.06
CA THR A 234 -16.19 34.35 8.60
C THR A 234 -16.90 35.22 7.56
N ASP A 235 -16.48 36.46 7.39
CA ASP A 235 -17.16 37.31 6.40
C ASP A 235 -17.30 36.65 5.01
N LYS A 236 -18.48 36.76 4.42
CA LYS A 236 -18.71 36.17 3.12
C LYS A 236 -19.52 37.16 2.31
N GLY A 237 -18.88 38.27 1.97
CA GLY A 237 -19.55 39.31 1.23
C GLY A 237 -20.15 40.34 2.16
N LYS A 238 -19.71 40.37 3.42
CA LYS A 238 -20.24 41.35 4.37
C LYS A 238 -19.89 42.75 3.88
N GLU A 239 -20.85 43.66 3.99
CA GLU A 239 -20.65 45.05 3.54
C GLU A 239 -19.92 45.98 4.51
N TYR A 240 -18.87 46.63 4.04
CA TYR A 240 -18.15 47.59 4.86
C TYR A 240 -18.26 48.85 4.04
N GLY A 241 -19.32 49.61 4.33
CA GLY A 241 -19.57 50.82 3.56
C GLY A 241 -20.10 50.31 2.24
N GLY A 242 -19.53 50.78 1.14
CA GLY A 242 -19.97 50.32 -0.16
C GLY A 242 -19.10 49.19 -0.70
N LYS A 243 -18.16 48.70 0.12
CA LYS A 243 -17.25 47.62 -0.28
C LYS A 243 -17.73 46.31 0.36
N ARG A 244 -17.25 45.18 -0.16
N ARG A 244 -17.24 45.18 -0.16
CA ARG A 244 -17.61 43.87 0.37
CA ARG A 244 -17.60 43.87 0.37
C ARG A 244 -16.35 43.07 0.68
C ARG A 244 -16.33 43.07 0.69
N ALA A 245 -16.39 42.27 1.74
CA ALA A 245 -15.22 41.48 2.14
C ALA A 245 -15.50 40.01 2.28
N PHE A 246 -14.49 39.21 1.94
CA PHE A 246 -14.61 37.77 2.07
C PHE A 246 -13.44 37.29 2.94
N GLY A 247 -13.75 36.72 4.10
CA GLY A 247 -12.73 36.19 4.97
C GLY A 247 -12.34 34.77 4.59
N ALA A 248 -11.22 34.32 5.13
CA ALA A 248 -10.67 33.02 4.81
C ALA A 248 -11.60 31.86 5.15
N LEU A 249 -12.41 32.01 6.20
CA LEU A 249 -13.33 30.92 6.55
C LEU A 249 -14.56 30.90 5.64
N GLY A 250 -14.99 32.10 5.24
CA GLY A 250 -16.12 32.23 4.34
C GLY A 250 -15.78 31.56 3.01
N ILE A 251 -14.55 31.81 2.56
CA ILE A 251 -14.06 31.21 1.32
C ILE A 251 -13.84 29.71 1.55
N GLY A 252 -13.27 29.38 2.71
CA GLY A 252 -12.99 27.98 3.06
C GLY A 252 -14.22 27.08 3.10
N GLY A 253 -15.38 27.61 3.50
CA GLY A 253 -16.60 26.82 3.53
C GLY A 253 -16.90 26.34 2.11
N LEU A 254 -16.83 27.24 1.13
CA LEU A 254 -17.04 26.84 -0.25
C LEU A 254 -15.91 25.91 -0.74
N LYS A 255 -14.65 26.23 -0.38
CA LYS A 255 -13.51 25.38 -0.77
C LYS A 255 -13.72 23.90 -0.36
N LEU A 256 -14.23 23.67 0.85
CA LEU A 256 -14.43 22.28 1.30
C LEU A 256 -15.53 21.60 0.47
N LYS A 257 -16.61 22.32 0.23
CA LYS A 257 -17.70 21.73 -0.59
C LYS A 257 -17.21 21.45 -2.02
N LEU A 258 -16.41 22.38 -2.57
CA LEU A 258 -15.87 22.29 -3.93
C LEU A 258 -14.89 21.12 -4.05
N HIS A 259 -13.96 21.04 -3.13
CA HIS A 259 -12.98 19.97 -3.17
C HIS A 259 -13.70 18.59 -3.10
N ARG A 260 -14.67 18.44 -2.21
CA ARG A 260 -15.42 17.17 -2.11
C ARG A 260 -16.12 16.86 -3.40
N ALA A 261 -16.79 17.88 -3.96
CA ALA A 261 -17.55 17.68 -5.19
C ALA A 261 -16.67 17.29 -6.35
N CYS A 262 -15.45 17.80 -6.37
CA CYS A 262 -14.50 17.49 -7.43
C CYS A 262 -14.15 16.01 -7.33
N ILE A 263 -13.93 15.52 -6.10
CA ILE A 263 -13.57 14.11 -5.93
C ILE A 263 -14.71 13.27 -6.49
N ALA A 264 -15.93 13.63 -6.15
CA ALA A 264 -17.09 12.88 -6.65
C ALA A 264 -17.09 12.84 -8.18
N LYS A 265 -16.75 13.96 -8.80
CA LYS A 265 -16.73 14.05 -10.26
C LYS A 265 -15.78 13.03 -10.85
N LEU A 266 -14.63 12.83 -10.20
CA LEU A 266 -13.61 11.91 -10.71
C LEU A 266 -14.12 10.50 -10.96
N PHE A 267 -15.18 10.11 -10.26
CA PHE A 267 -15.68 8.75 -10.45
C PHE A 267 -16.86 8.70 -11.41
N GLU A 268 -17.14 9.84 -12.02
CA GLU A 268 -18.25 9.88 -12.98
C GLU A 268 -17.87 9.66 -14.44
N SER A 269 -16.57 9.63 -14.74
CA SER A 269 -16.11 9.38 -16.09
C SER A 269 -14.67 9.03 -15.94
N SER A 270 -14.03 8.47 -16.97
CA SER A 270 -12.61 8.13 -16.86
C SER A 270 -11.72 9.11 -17.62
N GLU A 271 -12.24 10.29 -17.95
CA GLU A 271 -11.44 11.26 -18.69
C GLU A 271 -11.43 12.68 -18.09
N GLY A 272 -11.85 12.82 -16.83
CA GLY A 272 -11.87 14.13 -16.20
C GLY A 272 -10.45 14.60 -15.89
N VAL A 273 -10.22 15.90 -16.01
CA VAL A 273 -8.90 16.47 -15.69
C VAL A 273 -9.20 17.68 -14.88
N PHE A 274 -9.04 17.52 -13.57
CA PHE A 274 -9.39 18.57 -12.63
C PHE A 274 -8.21 19.36 -12.11
N ASP A 275 -7.87 20.39 -12.87
CA ASP A 275 -6.77 21.30 -12.53
C ASP A 275 -7.49 22.68 -12.41
N ALA A 276 -6.76 23.76 -12.45
CA ALA A 276 -7.40 25.06 -12.26
C ALA A 276 -8.66 25.34 -13.10
N GLU A 277 -8.57 25.13 -14.40
CA GLU A 277 -9.70 25.42 -15.28
C GLU A 277 -10.99 24.76 -14.89
N GLU A 278 -11.00 23.43 -14.89
CA GLU A 278 -12.19 22.67 -14.53
C GLU A 278 -12.68 22.90 -13.08
N ILE A 279 -11.74 23.01 -12.14
CA ILE A 279 -12.12 23.24 -10.76
C ILE A 279 -12.78 24.62 -10.62
N TYR A 280 -12.23 25.60 -11.31
CA TYR A 280 -12.82 26.96 -11.25
C TYR A 280 -14.19 26.96 -11.93
N LYS A 281 -14.31 26.18 -12.99
CA LYS A 281 -15.62 26.09 -13.68
C LYS A 281 -16.64 25.56 -12.61
N LEU A 282 -16.29 24.48 -11.91
CA LEU A 282 -17.22 23.95 -10.88
C LEU A 282 -17.51 24.92 -9.71
N ALA A 283 -16.49 25.67 -9.27
CA ALA A 283 -16.61 26.65 -8.22
C ALA A 283 -17.63 27.72 -8.65
N LYS A 284 -17.58 28.18 -9.89
CA LYS A 284 -18.61 29.19 -10.26
C LYS A 284 -20.04 28.61 -10.20
N GLU A 285 -20.21 27.32 -10.51
CA GLU A 285 -21.56 26.73 -10.47
C GLU A 285 -22.04 26.60 -9.06
N MET A 286 -21.09 26.44 -8.14
CA MET A 286 -21.40 26.26 -6.75
C MET A 286 -21.42 27.52 -5.90
N ALA A 287 -20.69 28.57 -6.31
CA ALA A 287 -20.59 29.77 -5.49
C ALA A 287 -21.92 30.40 -5.10
N SER B 1 -16.91 -10.13 10.39
CA SER B 1 -15.54 -9.55 10.36
C SER B 1 -15.29 -9.02 8.94
N LYS B 2 -14.62 -7.88 8.83
CA LYS B 2 -14.29 -7.33 7.51
C LYS B 2 -13.11 -8.15 6.98
N LYS B 3 -13.07 -8.33 5.65
CA LYS B 3 -12.02 -9.08 5.02
C LYS B 3 -10.82 -8.17 4.84
N LEU B 4 -9.80 -8.47 5.64
CA LEU B 4 -8.59 -7.65 5.65
C LEU B 4 -7.44 -8.25 4.89
N LEU B 5 -6.97 -7.57 3.85
CA LEU B 5 -5.83 -8.11 3.11
C LEU B 5 -4.59 -7.29 3.49
N PHE B 6 -3.52 -7.97 3.91
CA PHE B 6 -2.26 -7.29 4.20
C PHE B 6 -1.29 -7.56 3.08
N GLN B 7 -0.87 -6.48 2.42
CA GLN B 7 0.03 -6.57 1.28
C GLN B 7 1.47 -6.27 1.67
N PHE B 8 2.36 -7.25 1.46
CA PHE B 8 3.78 -7.09 1.79
C PHE B 8 4.54 -7.08 0.46
N ASP B 9 4.96 -5.88 0.07
CA ASP B 9 5.72 -5.66 -1.16
C ASP B 9 7.21 -5.49 -0.83
N THR B 10 8.08 -6.13 -1.61
CA THR B 10 9.53 -6.04 -1.39
C THR B 10 10.09 -4.78 -2.02
N ASP B 11 9.30 -4.11 -2.86
CA ASP B 11 9.80 -2.85 -3.43
C ASP B 11 9.58 -1.77 -2.40
N ALA B 12 10.02 -0.56 -2.75
CA ALA B 12 9.93 0.57 -1.82
C ALA B 12 8.50 0.94 -1.42
N THR B 13 7.53 0.80 -2.33
CA THR B 13 6.13 1.10 -2.04
C THR B 13 5.29 -0.04 -2.63
N PRO B 14 4.08 -0.24 -2.13
CA PRO B 14 3.26 -1.33 -2.65
C PRO B 14 2.73 -1.07 -4.05
N SER B 15 2.65 -2.14 -4.82
CA SER B 15 2.16 -2.09 -6.19
C SER B 15 0.73 -1.57 -6.28
N VAL B 16 0.48 -0.55 -7.10
CA VAL B 16 -0.89 -0.04 -7.30
C VAL B 16 -1.72 -1.15 -8.02
N PHE B 17 -1.09 -1.80 -8.99
CA PHE B 17 -1.74 -2.90 -9.74
C PHE B 17 -2.35 -3.92 -8.77
N ASP B 18 -1.57 -4.38 -7.79
CA ASP B 18 -2.04 -5.39 -6.83
C ASP B 18 -3.16 -4.90 -5.91
N VAL B 19 -3.16 -3.59 -5.63
CA VAL B 19 -4.23 -3.01 -4.78
C VAL B 19 -5.57 -3.06 -5.50
N VAL B 20 -5.61 -2.60 -6.74
CA VAL B 20 -6.86 -2.62 -7.46
C VAL B 20 -7.39 -4.06 -7.57
N VAL B 21 -6.53 -4.96 -8.02
CA VAL B 21 -7.00 -6.34 -8.20
C VAL B 21 -7.42 -6.95 -6.86
N GLY B 22 -6.70 -6.65 -5.79
CA GLY B 22 -7.08 -7.15 -4.47
C GLY B 22 -8.46 -6.65 -4.05
N TYR B 23 -8.77 -5.37 -4.34
CA TYR B 23 -10.11 -4.91 -4.00
C TYR B 23 -11.16 -5.56 -4.94
N ASP B 24 -10.83 -5.68 -6.22
CA ASP B 24 -11.81 -6.30 -7.12
C ASP B 24 -11.96 -7.80 -6.81
N GLY B 25 -10.99 -8.35 -6.10
CA GLY B 25 -11.03 -9.75 -5.74
C GLY B 25 -11.89 -9.94 -4.50
N GLY B 26 -12.36 -8.85 -3.90
CA GLY B 26 -13.24 -8.98 -2.73
C GLY B 26 -12.69 -8.54 -1.34
N ALA B 27 -11.44 -8.10 -1.27
CA ALA B 27 -10.93 -7.64 0.05
C ALA B 27 -11.77 -6.43 0.48
N ASP B 28 -12.19 -6.37 1.73
CA ASP B 28 -12.91 -5.19 2.25
C ASP B 28 -11.91 -4.03 2.49
N HIS B 29 -10.68 -4.35 2.89
CA HIS B 29 -9.63 -3.35 3.12
C HIS B 29 -8.25 -3.92 2.80
N ILE B 30 -7.38 -3.09 2.25
CA ILE B 30 -6.03 -3.52 1.96
C ILE B 30 -5.06 -2.54 2.69
N THR B 31 -4.11 -3.09 3.42
CA THR B 31 -3.12 -2.28 4.14
C THR B 31 -1.80 -2.76 3.55
N GLY B 32 -1.11 -1.87 2.86
CA GLY B 32 0.13 -2.24 2.19
C GLY B 32 1.41 -1.74 2.85
N TYR B 33 2.46 -2.55 2.72
CA TYR B 33 3.77 -2.22 3.27
C TYR B 33 4.83 -2.38 2.18
N GLY B 34 5.77 -1.44 2.12
CA GLY B 34 6.88 -1.57 1.20
C GLY B 34 8.10 -2.00 2.05
N ASN B 35 9.21 -2.27 1.37
CA ASN B 35 10.48 -2.65 1.99
C ASN B 35 10.40 -3.87 2.89
N VAL B 36 9.47 -4.77 2.60
CA VAL B 36 9.36 -5.91 3.45
C VAL B 36 10.54 -6.85 3.15
N THR B 37 11.01 -7.49 4.22
CA THR B 37 12.14 -8.39 4.20
C THR B 37 11.85 -9.58 5.11
N PRO B 38 12.63 -10.66 4.96
CA PRO B 38 12.44 -11.86 5.79
C PRO B 38 12.55 -11.56 7.26
N ASP B 39 13.30 -10.52 7.61
CA ASP B 39 13.51 -10.15 9.00
C ASP B 39 12.38 -9.32 9.60
N ASN B 40 11.85 -8.33 8.87
CA ASN B 40 10.76 -7.53 9.44
C ASN B 40 9.32 -8.04 9.22
N VAL B 41 9.13 -9.07 8.38
CA VAL B 41 7.77 -9.57 8.12
C VAL B 41 7.19 -10.37 9.27
N GLY B 42 8.06 -10.97 10.09
CA GLY B 42 7.56 -11.74 11.21
C GLY B 42 6.62 -10.98 12.15
N ALA B 43 6.96 -9.74 12.47
CA ALA B 43 6.12 -8.98 13.37
C ALA B 43 4.82 -8.64 12.64
N TYR B 44 4.88 -8.40 11.33
CA TYR B 44 3.65 -8.07 10.57
C TYR B 44 2.72 -9.31 10.64
N VAL B 45 3.29 -10.50 10.43
CA VAL B 45 2.49 -11.72 10.49
C VAL B 45 1.87 -11.95 11.85
N ASP B 46 2.63 -11.67 12.91
CA ASP B 46 2.12 -11.84 14.26
C ASP B 46 0.82 -11.04 14.41
N GLY B 47 0.76 -9.85 13.79
CA GLY B 47 -0.42 -9.02 13.89
C GLY B 47 -1.63 -9.67 13.18
N THR B 48 -1.37 -10.60 12.29
CA THR B 48 -2.51 -11.25 11.60
C THR B 48 -2.97 -12.50 12.35
N ILE B 49 -2.09 -13.11 13.14
CA ILE B 49 -2.47 -14.34 13.80
C ILE B 49 -2.87 -14.22 15.27
N TYR B 50 -2.61 -13.08 15.92
CA TYR B 50 -2.97 -12.94 17.33
C TYR B 50 -4.13 -11.99 17.59
N THR B 51 -4.77 -11.50 16.53
CA THR B 51 -5.85 -10.54 16.67
C THR B 51 -7.29 -11.06 16.48
N ARG B 52 -7.44 -12.22 15.85
CA ARG B 52 -8.78 -12.76 15.60
C ARG B 52 -8.79 -14.21 15.98
N GLY B 53 -9.81 -14.61 16.72
CA GLY B 53 -9.88 -15.99 17.15
C GLY B 53 -10.82 -16.87 16.35
N GLY B 54 -10.61 -18.18 16.45
CA GLY B 54 -11.46 -19.14 15.75
C GLY B 54 -11.62 -18.90 14.27
N LYS B 55 -12.85 -19.02 13.77
CA LYS B 55 -13.13 -18.82 12.36
C LYS B 55 -13.06 -17.37 11.89
N GLU B 56 -12.84 -16.44 12.81
CA GLU B 56 -12.67 -15.05 12.35
C GLU B 56 -11.33 -14.95 11.64
N LYS B 57 -10.46 -15.93 11.89
CA LYS B 57 -9.13 -15.89 11.25
C LYS B 57 -9.18 -15.92 9.74
N GLN B 58 -10.16 -16.61 9.17
CA GLN B 58 -10.17 -16.63 7.73
C GLN B 58 -10.56 -15.31 7.10
N SER B 59 -10.86 -14.27 7.90
CA SER B 59 -11.21 -12.96 7.35
C SER B 59 -9.96 -12.08 7.26
N THR B 60 -8.81 -12.62 7.65
CA THR B 60 -7.56 -11.87 7.47
C THR B 60 -6.67 -12.71 6.53
N ALA B 61 -5.93 -12.06 5.61
CA ALA B 61 -5.07 -12.79 4.67
C ALA B 61 -3.85 -11.98 4.32
N ILE B 62 -2.91 -12.64 3.66
CA ILE B 62 -1.65 -12.03 3.31
C ILE B 62 -1.29 -12.17 1.87
N PHE B 63 -0.73 -11.11 1.31
CA PHE B 63 -0.32 -11.15 -0.09
C PHE B 63 1.07 -10.60 -0.20
N VAL B 64 1.97 -11.38 -0.80
CA VAL B 64 3.35 -10.97 -0.99
C VAL B 64 3.64 -10.67 -2.46
N GLY B 65 4.19 -9.48 -2.72
CA GLY B 65 4.49 -9.12 -4.08
C GLY B 65 5.73 -8.28 -4.21
N GLY B 66 5.83 -7.60 -5.34
CA GLY B 66 7.00 -6.79 -5.60
C GLY B 66 7.67 -7.28 -6.87
N GLY B 67 8.66 -6.57 -7.38
CA GLY B 67 9.28 -6.96 -8.63
C GLY B 67 10.30 -8.08 -8.64
N ASP B 68 11.03 -8.22 -7.54
CA ASP B 68 12.09 -9.21 -7.42
C ASP B 68 11.47 -10.50 -6.95
N MET B 69 11.43 -11.49 -7.83
CA MET B 69 10.81 -12.74 -7.48
C MET B 69 11.47 -13.50 -6.37
N ALA B 70 12.81 -13.59 -6.39
CA ALA B 70 13.51 -14.33 -5.34
C ALA B 70 13.32 -13.65 -3.99
N ALA B 71 13.25 -12.33 -3.99
CA ALA B 71 13.04 -11.59 -2.74
C ALA B 71 11.66 -11.95 -2.21
N GLY B 72 10.68 -11.98 -3.12
CA GLY B 72 9.33 -12.32 -2.73
C GLY B 72 9.30 -13.74 -2.15
N GLU B 73 10.06 -14.67 -2.74
CA GLU B 73 10.06 -16.04 -2.23
C GLU B 73 10.64 -16.11 -0.81
N ARG B 74 11.71 -15.34 -0.57
CA ARG B 74 12.28 -15.32 0.78
C ARG B 74 11.24 -14.82 1.79
N VAL B 75 10.52 -13.74 1.44
CA VAL B 75 9.51 -13.21 2.35
C VAL B 75 8.41 -14.23 2.53
N PHE B 76 7.96 -14.84 1.43
CA PHE B 76 6.90 -15.83 1.52
C PHE B 76 7.35 -16.95 2.45
N GLU B 77 8.55 -17.51 2.26
CA GLU B 77 9.00 -18.56 3.19
C GLU B 77 9.01 -18.10 4.68
N ALA B 78 9.37 -16.84 4.90
CA ALA B 78 9.43 -16.26 6.27
C ALA B 78 8.02 -16.16 6.85
N VAL B 79 7.06 -15.80 5.99
CA VAL B 79 5.67 -15.71 6.44
C VAL B 79 5.22 -17.06 6.91
N LYS B 80 5.49 -18.09 6.12
CA LYS B 80 5.03 -19.42 6.49
C LYS B 80 5.74 -19.99 7.73
N LYS B 81 7.00 -19.60 7.89
CA LYS B 81 7.81 -20.04 9.03
C LYS B 81 7.23 -19.47 10.34
N ARG B 82 6.63 -18.28 10.26
CA ARG B 82 6.02 -17.65 11.44
C ARG B 82 4.73 -18.33 11.92
N PHE B 83 4.00 -18.97 11.00
CA PHE B 83 2.78 -19.65 11.38
C PHE B 83 3.14 -20.80 12.26
N PHE B 84 2.16 -21.28 13.03
CA PHE B 84 2.34 -22.45 13.89
C PHE B 84 0.98 -22.96 14.41
N GLY B 85 0.76 -24.25 14.28
CA GLY B 85 -0.48 -24.85 14.73
C GLY B 85 -1.66 -24.21 14.03
N PRO B 86 -2.66 -23.73 14.77
CA PRO B 86 -3.85 -23.10 14.18
C PRO B 86 -3.61 -21.62 13.91
N PHE B 87 -2.51 -21.08 14.43
CA PHE B 87 -2.18 -19.68 14.27
C PHE B 87 -1.62 -19.41 12.88
N ARG B 88 -2.55 -19.23 11.93
CA ARG B 88 -2.17 -18.97 10.55
C ARG B 88 -3.37 -18.35 9.82
N VAL B 89 -3.09 -17.79 8.65
CA VAL B 89 -4.09 -17.20 7.77
C VAL B 89 -3.62 -17.57 6.37
N SER B 90 -4.51 -17.48 5.38
CA SER B 90 -4.15 -17.82 4.03
C SER B 90 -3.17 -16.82 3.47
N CYS B 91 -2.28 -17.29 2.60
CA CYS B 91 -1.33 -16.37 2.04
C CYS B 91 -1.18 -16.63 0.56
N MET B 92 -0.73 -15.58 -0.13
CA MET B 92 -0.52 -15.62 -1.55
C MET B 92 0.75 -14.97 -2.00
N LEU B 93 1.38 -15.58 -3.00
CA LEU B 93 2.60 -14.99 -3.56
C LEU B 93 2.43 -14.67 -5.07
N ASP B 94 2.80 -13.47 -5.48
CA ASP B 94 2.72 -13.10 -6.89
C ASP B 94 3.51 -11.82 -7.09
N SER B 95 4.73 -11.95 -7.62
CA SER B 95 5.63 -10.80 -7.81
C SER B 95 5.51 -10.25 -9.22
N ASN B 96 4.72 -9.20 -9.34
CA ASN B 96 4.36 -8.58 -10.63
C ASN B 96 3.89 -9.66 -11.57
N GLY B 97 2.93 -10.45 -11.11
CA GLY B 97 2.33 -11.49 -11.94
C GLY B 97 3.15 -12.72 -12.21
N SER B 98 4.29 -12.84 -11.55
CA SER B 98 5.17 -13.98 -11.75
C SER B 98 4.42 -15.31 -11.77
N ASN B 99 3.50 -15.51 -10.81
CA ASN B 99 2.72 -16.74 -10.76
C ASN B 99 1.41 -16.72 -11.56
N THR B 100 0.67 -15.59 -11.52
N THR B 100 0.54 -15.78 -11.25
CA THR B 100 -0.61 -15.48 -12.26
CA THR B 100 -0.74 -15.77 -11.92
C THR B 100 -0.50 -15.31 -13.80
C THR B 100 -0.63 -15.75 -13.45
N THR B 101 0.50 -14.58 -14.27
N THR B 101 0.44 -15.16 -13.98
CA THR B 101 0.69 -14.41 -15.72
CA THR B 101 0.65 -15.11 -15.43
C THR B 101 1.18 -15.75 -16.29
C THR B 101 1.03 -16.47 -15.99
N ALA B 102 2.22 -16.31 -15.68
N ALA B 102 2.00 -17.13 -15.33
CA ALA B 102 2.74 -17.59 -16.19
CA ALA B 102 2.44 -18.46 -15.79
C ALA B 102 1.68 -18.70 -16.08
C ALA B 102 1.32 -19.49 -15.64
N ALA B 103 0.92 -18.72 -14.98
N ALA B 103 0.54 -19.39 -14.57
CA ALA B 103 -0.12 -19.74 -14.83
CA ALA B 103 -0.55 -20.32 -14.35
C ALA B 103 -1.17 -19.55 -15.91
C ALA B 103 -1.64 -20.13 -15.42
N ALA B 104 -1.51 -18.30 -16.21
N ALA B 104 -1.91 -18.88 -15.75
CA ALA B 104 -2.52 -18.01 -17.24
CA ALA B 104 -2.92 -18.55 -16.76
C ALA B 104 -2.01 -18.44 -18.63
C ALA B 104 -2.46 -19.06 -18.14
N GLY B 105 -0.76 -18.11 -18.91
N GLY B 105 -1.20 -18.77 -18.48
CA GLY B 105 -0.20 -18.43 -20.20
CA GLY B 105 -0.68 -19.21 -19.76
C GLY B 105 -0.08 -19.92 -20.42
C GLY B 105 -0.67 -20.72 -19.91
N VAL B 106 0.51 -20.61 -19.45
N VAL B 106 -0.09 -21.42 -18.94
CA VAL B 106 0.67 -22.04 -19.60
CA VAL B 106 -0.02 -22.88 -19.02
C VAL B 106 -0.68 -22.76 -19.69
C VAL B 106 -1.40 -23.52 -19.03
N ALA B 107 -1.60 -22.43 -18.78
N ALA B 107 -2.32 -23.04 -18.21
CA ALA B 107 -2.90 -23.08 -18.79
CA ALA B 107 -3.67 -23.59 -18.15
C ALA B 107 -3.60 -22.91 -20.14
C ALA B 107 -4.40 -23.42 -19.49
N LEU B 108 -3.47 -21.73 -20.75
N LEU B 108 -4.16 -22.30 -20.16
CA LEU B 108 -4.10 -21.49 -22.05
CA LEU B 108 -4.79 -22.05 -21.45
C LEU B 108 -3.46 -22.37 -23.13
C LEU B 108 -4.21 -23.00 -22.49
N VAL B 109 -2.14 -22.42 -23.12
N VAL B 109 -2.89 -23.20 -22.45
CA VAL B 109 -1.42 -23.20 -24.11
CA VAL B 109 -2.25 -24.08 -23.41
C VAL B 109 -1.70 -24.70 -23.94
C VAL B 109 -2.67 -25.53 -23.18
N VAL B 110 -1.72 -25.17 -22.70
N VAL B 110 -2.70 -25.95 -21.92
CA VAL B 110 -1.97 -26.58 -22.45
CA VAL B 110 -3.09 -27.31 -21.63
C VAL B 110 -3.37 -26.96 -22.92
C VAL B 110 -4.53 -27.59 -22.09
N LYS B 111 -4.36 -26.14 -22.58
N LYS B 111 -5.45 -26.69 -21.77
CA LYS B 111 -5.73 -26.41 -22.99
CA LYS B 111 -6.85 -26.87 -22.15
C LYS B 111 -5.83 -26.47 -24.51
C LYS B 111 -6.97 -26.94 -23.68
N ALA B 112 -5.15 -25.54 -25.18
N ALA B 112 -6.22 -26.09 -24.38
CA ALA B 112 -5.15 -25.48 -26.64
CA ALA B 112 -6.25 -26.08 -25.83
C ALA B 112 -4.40 -26.66 -27.27
C ALA B 112 -5.64 -27.37 -26.41
N ALA B 113 -3.44 -27.22 -26.54
N ALA B 113 -4.69 -27.94 -25.67
CA ALA B 113 -2.66 -28.35 -27.05
CA ALA B 113 -4.02 -29.17 -26.13
C ALA B 113 -3.45 -29.66 -26.90
C ALA B 113 -4.91 -30.40 -25.93
N GLY B 114 -4.65 -29.56 -26.32
N GLY B 114 -6.08 -30.19 -25.33
CA GLY B 114 -5.46 -30.74 -26.11
CA GLY B 114 -6.99 -31.30 -25.08
C GLY B 114 -5.58 -31.18 -24.67
C GLY B 114 -7.14 -31.66 -23.62
N GLY B 115 -4.84 -30.51 -23.77
N GLY B 115 -6.33 -31.04 -22.76
CA GLY B 115 -4.92 -30.88 -22.36
CA GLY B 115 -6.43 -31.34 -21.34
C GLY B 115 -3.70 -31.62 -21.87
C GLY B 115 -5.28 -32.18 -20.82
N SER B 116 -2.79 -31.98 -22.76
N SER B 116 -4.39 -32.58 -21.71
CA SER B 116 -1.56 -32.68 -22.36
CA SER B 116 -3.24 -33.37 -21.30
C SER B 116 -0.43 -32.18 -23.25
C SER B 116 -2.07 -33.02 -22.21
N VAL B 117 0.72 -31.97 -22.63
N VAL B 117 -0.89 -32.90 -21.62
CA VAL B 117 1.89 -31.52 -23.34
CA VAL B 117 0.28 -32.59 -22.40
C VAL B 117 3.07 -32.38 -22.93
C VAL B 117 1.39 -33.56 -22.00
N LYS B 118 2.79 -33.53 -22.32
N LYS B 118 1.01 -34.65 -21.33
CA LYS B 118 3.89 -34.41 -21.89
CA LYS B 118 2.02 -35.60 -20.89
C LYS B 118 4.58 -35.08 -23.10
C LYS B 118 2.63 -36.37 -22.06
N GLY B 119 5.90 -35.15 -23.03
N GLY B 119 3.94 -36.55 -22.00
CA GLY B 119 6.69 -35.74 -24.10
CA GLY B 119 4.64 -37.25 -23.06
C GLY B 119 7.02 -34.73 -25.19
C GLY B 119 5.00 -36.35 -24.24
N LYS B 120 6.53 -33.51 -25.06
N LYS B 120 4.68 -35.07 -24.13
CA LYS B 120 6.79 -32.52 -26.10
CA LYS B 120 4.97 -34.15 -25.22
C LYS B 120 7.79 -31.46 -25.71
C LYS B 120 6.09 -33.18 -24.86
N LYS B 121 8.44 -30.87 -26.70
N LYS B 121 6.75 -32.63 -25.87
CA LYS B 121 9.47 -29.86 -26.45
CA LYS B 121 7.87 -31.73 -25.66
C LYS B 121 8.91 -28.42 -26.39
C LYS B 121 7.43 -30.28 -25.65
N ALA B 122 9.20 -27.74 -25.29
N ALA B 122 7.79 -29.56 -24.57
CA ALA B 122 8.74 -26.36 -25.12
CA ALA B 122 7.47 -28.16 -24.44
C ALA B 122 9.98 -25.53 -24.88
C ALA B 122 8.77 -27.39 -24.28
N VAL B 123 10.04 -24.40 -25.57
N VAL B 123 8.93 -26.32 -25.05
CA VAL B 123 11.16 -23.49 -25.47
CA VAL B 123 10.14 -25.51 -24.99
C VAL B 123 10.68 -22.13 -24.95
C VAL B 123 9.81 -24.10 -24.55
N VAL B 124 11.40 -21.60 -23.98
N VAL B 124 10.59 -23.60 -23.60
CA VAL B 124 11.07 -20.29 -23.44
CA VAL B 124 10.40 -22.25 -23.09
C VAL B 124 12.23 -19.34 -23.75
C VAL B 124 11.62 -21.44 -23.47
N LEU B 125 11.97 -18.44 -24.70
N LEU B 125 11.41 -20.50 -24.38
CA LEU B 125 12.97 -17.46 -25.12
CA LEU B 125 12.48 -19.62 -24.87
C LEU B 125 13.00 -16.31 -24.11
C LEU B 125 12.65 -18.46 -23.90
N ALA B 126 14.21 -15.91 -23.70
N ALA B 126 13.90 -18.17 -23.56
CA ALA B 126 14.42 -14.84 -22.72
CA ALA B 126 14.22 -17.09 -22.61
C ALA B 126 13.62 -15.23 -21.49
C ALA B 126 13.42 -17.32 -21.33
N GLY B 127 13.83 -16.45 -21.01
N GLY B 127 13.55 -18.53 -20.80
CA GLY B 127 13.09 -16.88 -19.85
CA GLY B 127 12.79 -18.86 -19.61
C GLY B 127 13.84 -16.79 -18.54
C GLY B 127 13.55 -18.76 -18.30
N THR B 128 14.85 -15.92 -18.43
N THR B 128 14.64 -17.99 -18.26
CA THR B 128 15.54 -15.81 -17.15
CA THR B 128 15.39 -17.86 -17.01
C THR B 128 14.79 -14.88 -16.20
C THR B 128 14.70 -16.85 -16.08
N GLY B 129 13.71 -14.25 -16.71
N GLY B 129 13.68 -16.16 -16.60
CA GLY B 129 12.91 -13.36 -15.88
CA GLY B 129 12.93 -15.21 -15.79
C GLY B 129 11.87 -14.16 -15.08
C GLY B 129 11.84 -15.89 -14.96
N PRO B 130 11.10 -13.52 -14.16
N PRO B 130 11.18 -15.15 -14.04
CA PRO B 130 10.07 -14.18 -13.32
CA PRO B 130 10.12 -15.66 -13.15
C PRO B 130 9.01 -14.98 -14.08
C PRO B 130 8.96 -16.37 -13.86
N VAL B 131 8.39 -14.32 -15.05
N VAL B 131 8.39 -15.73 -14.85
CA VAL B 131 7.34 -14.95 -15.83
CA VAL B 131 7.28 -16.32 -15.59
C VAL B 131 7.98 -16.10 -16.62
C VAL B 131 7.80 -17.52 -16.39
N GLY B 132 9.14 -15.83 -17.21
N GLY B 132 9.00 -17.38 -16.93
CA GLY B 132 9.81 -16.88 -17.97
CA GLY B 132 9.58 -18.46 -17.70
C GLY B 132 10.10 -18.08 -17.10
C GLY B 132 9.76 -19.68 -16.83
N MET B 133 10.71 -17.85 -15.94
N MET B 133 10.38 -19.47 -15.66
CA MET B 133 11.04 -18.94 -15.04
CA MET B 133 10.64 -20.56 -14.70
C MET B 133 9.83 -19.75 -14.55
C MET B 133 9.36 -21.21 -14.20
N ARG B 134 8.76 -19.06 -14.16
N ARG B 134 8.41 -20.41 -13.72
CA ARG B 134 7.57 -19.75 -13.69
CA ARG B 134 7.14 -20.96 -13.25
C ARG B 134 6.86 -20.49 -14.81
C ARG B 134 6.37 -21.70 -14.35
N SER B 135 6.92 -19.96 -16.02
N SER B 135 6.42 -21.18 -15.58
CA SER B 135 6.31 -20.66 -17.14
CA SER B 135 5.73 -21.86 -16.68
C SER B 135 7.10 -21.94 -17.38
C SER B 135 6.38 -23.23 -16.88
N ALA B 136 8.42 -21.84 -17.28
N ALA B 136 7.71 -23.27 -16.83
CA ALA B 136 9.28 -23.01 -17.50
CA ALA B 136 8.44 -24.52 -17.02
C ALA B 136 8.99 -24.08 -16.44
C ALA B 136 8.10 -25.53 -15.92
N ALA B 137 8.71 -23.64 -15.21
N ALA B 137 7.85 -25.03 -14.72
CA ALA B 137 8.42 -24.58 -14.12
CA ALA B 137 7.52 -25.89 -13.57
C ALA B 137 7.09 -25.32 -14.30
C ALA B 137 6.13 -26.49 -13.68
N LEU B 138 6.06 -24.59 -14.72
N LEU B 138 5.17 -25.70 -14.13
CA LEU B 138 4.75 -25.20 -14.91
CA LEU B 138 3.80 -26.20 -14.25
C LEU B 138 4.74 -26.19 -16.07
C LEU B 138 3.71 -27.22 -15.38
N LEU B 139 5.46 -25.84 -17.13
N LEU B 139 4.43 -26.98 -16.46
CA LEU B 139 5.58 -26.71 -18.29
CA LEU B 139 4.44 -27.90 -17.58
C LEU B 139 6.31 -27.98 -17.90
C LEU B 139 5.08 -29.23 -17.16
N ALA B 140 7.35 -27.86 -17.09
N ALA B 140 6.13 -29.17 -16.36
CA ALA B 140 8.10 -29.03 -16.66
CA ALA B 140 6.77 -30.40 -15.91
C ALA B 140 7.16 -29.90 -15.82
C ALA B 140 5.78 -31.16 -15.05
N GLY B 141 6.39 -29.27 -14.94
N GLY B 141 5.09 -30.44 -14.16
CA GLY B 141 5.46 -30.00 -14.11
CA GLY B 141 4.11 -31.07 -13.29
C GLY B 141 4.42 -30.75 -14.93
C GLY B 141 2.99 -31.76 -14.06
N GLU B 142 4.17 -30.29 -16.16
N GLU B 142 2.78 -31.34 -15.31
CA GLU B 142 3.18 -30.91 -17.05
CA GLU B 142 1.73 -31.90 -16.15
C GLU B 142 3.84 -32.07 -17.82
C GLU B 142 2.26 -33.15 -16.86
N GLY B 143 5.15 -32.22 -17.64
N GLY B 143 3.55 -33.41 -16.69
CA GLY B 143 5.88 -33.30 -18.31
CA GLY B 143 4.16 -34.57 -17.32
C GLY B 143 6.54 -32.91 -19.61
C GLY B 143 4.83 -34.32 -18.66
N ALA B 144 6.50 -31.62 -19.97
N ALA B 144 4.93 -33.05 -19.07
CA ALA B 144 7.14 -31.23 -21.23
CA ALA B 144 5.56 -32.76 -20.36
C ALA B 144 8.66 -31.19 -21.06
C ALA B 144 7.07 -32.83 -20.19
N GLU B 145 9.39 -31.26 -22.15
N GLU B 145 7.79 -33.01 -21.31
CA GLU B 145 10.86 -31.18 -22.08
CA GLU B 145 9.25 -33.02 -21.27
C GLU B 145 11.08 -29.71 -22.34
C GLU B 145 9.60 -31.57 -21.59
N VAL B 146 11.45 -28.99 -21.29
N VAL B 146 10.06 -30.86 -20.58
CA VAL B 146 11.62 -27.53 -21.38
CA VAL B 146 10.36 -29.44 -20.72
C VAL B 146 13.04 -27.00 -21.49
C VAL B 146 11.82 -29.02 -20.91
N VAL B 147 13.23 -26.05 -22.39
N VAL B 147 12.04 -28.12 -21.87
CA VAL B 147 14.54 -25.41 -22.58
CA VAL B 147 13.37 -27.60 -22.12
C VAL B 147 14.35 -23.92 -22.28
C VAL B 147 13.34 -26.09 -21.86
N LEU B 148 15.12 -23.44 -21.33
N LEU B 148 14.17 -25.65 -20.92
CA LEU B 148 15.08 -22.06 -20.87
CA LEU B 148 14.24 -24.24 -20.53
C LEU B 148 16.28 -21.31 -21.40
C LEU B 148 15.50 -23.63 -21.13
N CYS B 149 16.02 -20.38 -22.31
N CYS B 149 15.28 -22.68 -22.04
CA CYS B 149 17.05 -19.59 -22.99
CA CYS B 149 16.36 -22.02 -22.76
C CYS B 149 17.29 -18.21 -22.42
C CYS B 149 16.77 -20.66 -22.23
N GLY B 150 18.56 -17.82 -22.41
N GLY B 150 18.07 -20.38 -22.33
CA GLY B 150 18.94 -16.51 -21.91
CA GLY B 150 18.60 -19.11 -21.90
C GLY B 150 20.05 -16.02 -22.81
C GLY B 150 19.74 -18.74 -22.82
N ARG B 151 20.34 -14.74 -22.75
N ARG B 151 20.12 -17.47 -22.81
CA ARG B 151 21.39 -14.12 -23.55
CA ARG B 151 21.21 -16.99 -23.65
C ARG B 151 22.79 -14.69 -23.21
C ARG B 151 22.55 -17.69 -23.31
N LYS B 152 22.93 -15.23 -22.01
N LYS B 152 22.64 -18.20 -22.10
CA LYS B 152 24.20 -15.81 -21.58
CA LYS B 152 23.85 -18.88 -21.64
C LYS B 152 23.96 -17.12 -20.86
C LYS B 152 23.51 -20.12 -20.83
N LEU B 153 24.65 -18.19 -21.27
N LEU B 153 24.10 -21.26 -21.19
CA LEU B 153 24.46 -19.50 -20.62
CA LEU B 153 23.84 -22.52 -20.48
C LEU B 153 24.53 -19.34 -19.12
C LEU B 153 23.97 -22.29 -18.98
N ASP B 154 25.40 -18.43 -18.70
N ASP B 154 24.92 -21.44 -18.64
CA ASP B 154 25.63 -18.09 -17.31
CA ASP B 154 25.21 -21.05 -17.26
C ASP B 154 24.32 -17.91 -16.51
C ASP B 154 23.95 -20.74 -16.45
N LYS B 155 23.54 -16.89 -16.84
N LYS B 155 23.25 -19.66 -16.79
CA LYS B 155 22.30 -16.65 -16.13
CA LYS B 155 22.05 -19.29 -16.07
C LYS B 155 21.19 -17.62 -16.53
C LYS B 155 20.84 -20.16 -16.41
N ALA B 156 21.34 -18.27 -17.68
N ALA B 156 20.92 -20.87 -17.54
CA ALA B 156 20.34 -19.23 -18.12
CA ALA B 156 19.83 -21.74 -17.94
C ALA B 156 20.37 -20.44 -17.20
C ALA B 156 19.78 -22.92 -16.96
N GLN B 157 21.57 -20.95 -16.95
N GLN B 157 20.92 -23.53 -16.70
CA GLN B 157 21.73 -22.10 -16.05
CA GLN B 157 20.97 -24.66 -15.79
C GLN B 157 21.27 -21.77 -14.63
C GLN B 157 20.57 -24.24 -14.37
N ALA B 158 21.54 -20.54 -14.17
N ALA B 158 20.98 -23.05 -13.96
CA ALA B 158 21.12 -20.14 -12.83
CA ALA B 158 20.63 -22.56 -12.62
C ALA B 158 19.59 -20.17 -12.74
C ALA B 158 19.12 -22.41 -12.51
N ALA B 159 18.93 -19.67 -13.79
N ALA B 159 18.50 -21.97 -13.61
CA ALA B 159 17.47 -19.68 -13.80
CA ALA B 159 17.06 -21.80 -13.64
C ALA B 159 16.98 -21.11 -13.75
C ALA B 159 16.41 -23.17 -13.51
N ALA B 160 17.56 -21.96 -14.60
N ALA B 160 16.88 -24.12 -14.32
CA ALA B 160 17.18 -23.38 -14.64
CA ALA B 160 16.34 -25.48 -14.28
C ALA B 160 17.39 -24.07 -13.30
C ALA B 160 16.56 -26.09 -12.90
N ASP B 161 18.55 -23.83 -12.69
N ASP B 161 17.75 -25.94 -12.33
CA ASP B 161 18.85 -24.45 -11.41
CA ASP B 161 18.01 -26.51 -11.01
C ASP B 161 17.83 -23.99 -10.36
C ASP B 161 17.07 -25.95 -9.96
N SER B 162 17.48 -22.71 -10.39
N SER B 162 16.81 -24.65 -10.02
CA SER B 162 16.52 -22.18 -9.41
CA SER B 162 15.92 -24.02 -9.05
C SER B 162 15.19 -22.93 -9.56
C SER B 162 14.54 -24.63 -9.14
N VAL B 163 14.74 -23.09 -10.81
N VAL B 163 14.04 -24.78 -10.35
CA VAL B 163 13.50 -23.78 -11.09
CA VAL B 163 12.72 -25.37 -10.60
C VAL B 163 13.52 -25.23 -10.67
C VAL B 163 12.63 -26.82 -10.16
N ASN B 164 14.56 -25.96 -11.09
N ASN B 164 13.60 -27.64 -10.58
CA ASN B 164 14.69 -27.39 -10.77
CA ASN B 164 13.60 -29.06 -10.24
C ASN B 164 14.71 -27.71 -9.28
C ASN B 164 13.61 -29.32 -8.74
N LYS B 165 15.37 -26.88 -8.49
N LYS B 165 14.35 -28.49 -8.00
CA LYS B 165 15.45 -27.03 -7.06
CA LYS B 165 14.45 -28.62 -6.56
C LYS B 165 14.10 -26.71 -6.41
C LYS B 165 13.16 -28.17 -5.87
N ARG B 166 13.42 -25.67 -6.91
N ARG B 166 12.54 -27.12 -6.39
CA ARG B 166 12.13 -25.29 -6.33
CA ARG B 166 11.31 -26.59 -5.80
C ARG B 166 10.98 -26.23 -6.66
C ARG B 166 10.04 -27.43 -6.08
N PHE B 167 10.87 -26.63 -7.93
N PHE B 167 9.89 -27.88 -7.31
CA PHE B 167 9.77 -27.52 -8.32
CA PHE B 167 8.72 -28.66 -7.69
C PHE B 167 10.13 -28.97 -8.58
C PHE B 167 8.95 -30.15 -7.92
N LYS B 168 11.38 -29.33 -8.31
N LYS B 168 10.14 -30.62 -7.57
CA LYS B 168 11.85 -30.71 -8.51
CA LYS B 168 10.48 -32.04 -7.73
C LYS B 168 11.63 -31.15 -9.94
C LYS B 168 10.17 -32.51 -9.15
N VAL B 169 12.19 -30.42 -10.89
N VAL B 169 10.82 -31.91 -10.14
CA VAL B 169 12.02 -30.77 -12.30
CA VAL B 169 10.61 -32.27 -11.53
C VAL B 169 13.37 -30.69 -12.97
C VAL B 169 11.95 -32.34 -12.23
N ASN B 170 13.43 -30.96 -14.27
N ASN B 170 11.94 -32.70 -13.52
CA ASN B 170 14.70 -30.92 -14.96
CA ASN B 170 13.21 -32.82 -14.23
C ASN B 170 14.73 -30.03 -16.19
C ASN B 170 13.33 -31.96 -15.49
N VAL B 171 14.59 -28.73 -15.95
N VAL B 171 13.30 -30.65 -15.29
CA VAL B 171 14.64 -27.76 -17.03
CA VAL B 171 13.42 -29.71 -16.40
C VAL B 171 16.09 -27.66 -17.50
C VAL B 171 14.85 -29.77 -16.92
N THR B 172 16.29 -27.49 -18.80
N THR B 172 15.01 -29.67 -18.24
CA THR B 172 17.62 -27.37 -19.38
CA THR B 172 16.34 -29.68 -18.86
C THR B 172 17.82 -25.91 -19.80
C THR B 172 16.66 -28.25 -19.30
N ALA B 173 19.07 -25.44 -19.80
N ALA B 173 17.93 -27.89 -19.36
CA ALA B 173 19.30 -24.06 -20.20
CA ALA B 173 18.28 -26.55 -19.79
C ALA B 173 20.11 -23.97 -21.49
C ALA B 173 19.12 -26.58 -21.06
N ALA B 174 19.86 -22.92 -22.26
N ALA B 174 18.92 -25.59 -21.92
CA ALA B 174 20.61 -22.75 -23.49
CA ALA B 174 19.67 -25.52 -23.16
C ALA B 174 20.94 -21.27 -23.67
C ALA B 174 20.12 -24.08 -23.40
N GLU B 175 22.07 -21.00 -24.30
N GLU B 175 21.24 -23.93 -24.09
CA GLU B 175 22.45 -19.62 -24.56
CA GLU B 175 21.75 -22.61 -24.39
C GLU B 175 22.07 -19.21 -25.98
C GLU B 175 21.38 -22.23 -25.83
N THR B 176 21.35 -18.09 -26.09
N THR B 176 20.76 -21.07 -26.00
CA THR B 176 20.94 -17.57 -27.40
CA THR B 176 20.38 -20.56 -27.31
C THR B 176 21.27 -16.08 -27.40
C THR B 176 20.82 -19.09 -27.35
N ALA B 177 22.47 -15.76 -27.84
N ALA B 177 22.03 -18.86 -27.81
CA ALA B 177 22.91 -14.36 -27.83
CA ALA B 177 22.57 -17.50 -27.86
C ALA B 177 22.62 -13.61 -29.12
C ALA B 177 22.35 -16.80 -29.19
N ASP B 178 22.18 -14.35 -30.14
N ASP B 178 21.85 -17.54 -30.18
CA ASP B 178 21.90 -13.84 -31.47
CA ASP B 178 21.59 -17.04 -31.53
C ASP B 178 20.45 -14.04 -31.87
C ASP B 178 20.11 -17.12 -31.91
N ASP B 179 20.07 -13.38 -32.97
N ASP B 179 19.77 -16.50 -33.03
CA ASP B 179 18.74 -13.52 -33.54
CA ASP B 179 18.42 -16.53 -33.59
C ASP B 179 18.77 -14.95 -34.11
C ASP B 179 18.34 -17.99 -34.07
N ALA B 180 19.88 -15.23 -34.79
N ALA B 180 19.40 -18.39 -34.76
CA ALA B 180 20.16 -16.52 -35.41
CA ALA B 180 19.55 -19.75 -35.31
C ALA B 180 19.99 -17.66 -34.42
C ALA B 180 19.35 -20.85 -34.25
N SER B 181 20.63 -17.56 -33.25
N SER B 181 20.01 -20.71 -33.10
CA SER B 181 20.54 -18.60 -32.23
CA SER B 181 19.89 -21.73 -32.05
C SER B 181 19.14 -18.80 -31.69
C SER B 181 18.46 -21.79 -31.48
N ARG B 182 18.38 -17.72 -31.55
N ARG B 182 17.79 -20.65 -31.41
CA ARG B 182 17.00 -17.86 -31.10
CA ARG B 182 16.41 -20.63 -30.93
C ARG B 182 16.21 -18.63 -32.16
C ARG B 182 15.53 -21.35 -31.94
N ALA B 183 16.47 -18.32 -33.42
N ALA B 183 15.78 -21.11 -33.22
CA ALA B 183 15.77 -18.98 -34.52
CA ALA B 183 14.99 -21.76 -34.26
C ALA B 183 16.11 -20.47 -34.52
C ALA B 183 15.23 -23.27 -34.25
N GLU B 184 17.33 -20.78 -34.13
N GLU B 184 16.43 -23.65 -33.81
CA GLU B 184 17.82 -22.16 -34.09
CA GLU B 184 16.82 -25.05 -33.74
C GLU B 184 17.28 -22.95 -32.90
C GLU B 184 16.28 -25.76 -32.49
N ALA B 185 17.19 -22.30 -31.74
N ALA B 185 16.16 -25.03 -31.38
CA ALA B 185 16.72 -22.95 -30.52
CA ALA B 185 15.67 -25.63 -30.14
C ALA B 185 15.29 -23.48 -30.63
C ALA B 185 14.20 -26.02 -30.21
N VAL B 186 14.51 -22.92 -31.55
N VAL B 186 13.44 -25.38 -31.08
CA VAL B 186 13.12 -23.36 -31.67
CA VAL B 186 12.01 -25.69 -31.16
C VAL B 186 12.88 -24.48 -32.66
C VAL B 186 11.58 -26.80 -32.13
N LYS B 187 13.85 -24.81 -33.48
N LYS B 187 12.50 -27.29 -32.96
CA LYS B 187 13.63 -25.87 -34.46
CA LYS B 187 12.15 -28.35 -33.89
C LYS B 187 13.36 -27.17 -33.73
C LYS B 187 11.84 -29.62 -33.10
N GLY B 188 12.27 -27.86 -34.10
N GLY B 188 10.71 -30.25 -33.42
CA GLY B 188 11.93 -29.09 -33.42
CA GLY B 188 10.34 -31.45 -32.68
C GLY B 188 11.04 -28.89 -32.21
C GLY B 188 9.49 -31.14 -31.44
N ALA B 189 10.84 -27.63 -31.80
N ALA B 189 9.29 -29.87 -31.14
CA ALA B 189 9.98 -27.34 -30.66
CA ALA B 189 8.51 -29.50 -29.97
C ALA B 189 8.49 -27.39 -31.00
C ALA B 189 7.03 -29.37 -30.29
N HIS B 190 7.66 -27.80 -30.04
N HIS B 190 6.21 -29.67 -29.30
CA HIS B 190 6.21 -27.87 -30.23
CA HIS B 190 4.77 -29.59 -29.44
C HIS B 190 5.57 -26.60 -29.66
C HIS B 190 4.24 -28.25 -28.96
N PHE B 191 6.13 -26.07 -28.58
N PHE B 191 4.82 -27.74 -27.88
CA PHE B 191 5.56 -24.85 -28.00
CA PHE B 191 4.38 -26.45 -27.35
C PHE B 191 6.66 -23.87 -27.70
C PHE B 191 5.57 -25.55 -27.09
N VAL B 192 6.44 -22.61 -28.09
N VAL B 192 5.47 -24.29 -27.53
CA VAL B 192 7.43 -21.59 -27.81
CA VAL B 192 6.56 -23.36 -27.30
C VAL B 192 6.79 -20.44 -27.04
C VAL B 192 6.03 -22.13 -26.57
N PHE B 193 7.52 -19.93 -26.04
N PHE B 193 6.83 -21.64 -25.62
CA PHE B 193 7.05 -18.81 -25.23
CA PHE B 193 6.48 -20.47 -24.85
C PHE B 193 8.10 -17.72 -25.27
C PHE B 193 7.62 -19.45 -24.96
N THR B 194 7.66 -16.47 -25.37
N THR B 194 7.27 -18.17 -25.12
CA THR B 194 8.57 -15.32 -25.35
CA THR B 194 8.27 -17.11 -25.15
C THR B 194 8.23 -14.46 -24.12
C THR B 194 8.06 -16.23 -23.93
N ALA B 195 9.22 -14.30 -23.25
N ALA B 195 9.09 -16.10 -23.11
CA ALA B 195 9.06 -13.55 -22.02
CA ALA B 195 9.01 -15.27 -21.91
C ALA B 195 10.16 -12.50 -21.91
C ALA B 195 10.21 -14.35 -21.84
N GLY B 196 10.42 -11.81 -23.02
N GLY B 196 10.51 -13.72 -22.97
CA GLY B 196 11.48 -10.81 -23.06
CA GLY B 196 11.65 -12.83 -23.03
C GLY B 196 11.10 -9.42 -22.59
C GLY B 196 11.37 -11.38 -22.65
N ALA B 197 12.01 -8.47 -22.77
N ALA B 197 12.40 -10.55 -22.80
CA ALA B 197 11.79 -7.08 -22.35
CA ALA B 197 12.33 -9.12 -22.49
C ALA B 197 10.65 -6.44 -23.15
C ALA B 197 11.23 -8.46 -23.30
N ILE B 198 10.03 -5.42 -22.58
N ILE B 198 10.71 -7.34 -22.80
CA ILE B 198 8.95 -4.76 -23.27
CA ILE B 198 9.65 -6.61 -23.49
C ILE B 198 9.42 -4.07 -24.55
C ILE B 198 10.14 -5.97 -24.78
N GLY B 199 8.64 -4.22 -25.62
N GLY B 199 9.36 -6.13 -25.85
CA GLY B 199 8.99 -3.57 -26.88
CA GLY B 199 9.73 -5.54 -27.13
C GLY B 199 10.18 -4.13 -27.64
C GLY B 199 10.84 -6.23 -27.89
N LEU B 200 10.42 -5.43 -27.48
N LEU B 200 10.99 -7.54 -27.67
CA LEU B 200 11.52 -6.11 -28.16
CA LEU B 200 12.00 -8.31 -28.36
C LEU B 200 11.02 -7.39 -28.81
C LEU B 200 11.35 -9.55 -28.97
N GLU B 201 11.43 -7.62 -30.06
N GLU B 201 11.75 -9.89 -30.19
CA GLU B 201 11.02 -8.82 -30.76
CA GLU B 201 11.19 -11.07 -30.84
C GLU B 201 12.08 -9.89 -30.55
C GLU B 201 12.14 -12.23 -30.62
N LEU B 202 11.64 -11.09 -30.20
N LEU B 202 11.61 -13.37 -30.20
CA LEU B 202 12.56 -12.21 -29.97
CA LEU B 202 12.45 -14.54 -29.97
C LEU B 202 12.44 -13.24 -31.08
C LEU B 202 12.22 -15.59 -31.05
N LEU B 203 11.24 -13.40 -31.63
N LEU B 203 11.00 -15.68 -31.55
CA LEU B 203 11.05 -14.39 -32.68
CA LEU B 203 10.70 -16.68 -32.57
C LEU B 203 10.26 -13.86 -33.86
C LEU B 203 9.94 -16.11 -33.76
N PRO B 204 10.96 -13.45 -34.93
N PRO B 204 10.67 -15.83 -34.87
CA PRO B 204 10.34 -12.91 -36.14
CA PRO B 204 10.06 -15.28 -36.08
C PRO B 204 9.39 -13.91 -36.81
C PRO B 204 9.03 -16.23 -36.70
N GLN B 205 8.42 -13.40 -37.55
N GLN B 205 8.08 -15.67 -37.43
CA GLN B 205 7.45 -14.23 -38.22
CA GLN B 205 7.03 -16.46 -38.07
C GLN B 205 8.12 -15.39 -38.99
C GLN B 205 7.60 -17.69 -38.77
N ALA B 206 9.10 -15.07 -39.83
N ALA B 206 8.57 -17.50 -39.66
CA ALA B 206 9.79 -16.09 -40.60
CA ALA B 206 9.14 -18.62 -40.38
C ALA B 206 10.52 -17.14 -39.74
C ALA B 206 9.76 -19.71 -39.50
N ALA B 207 10.62 -16.93 -38.44
N ALA B 207 9.96 -19.42 -38.21
CA ALA B 207 11.32 -17.91 -37.63
CA ALA B 207 10.57 -20.39 -37.32
C ALA B 207 10.41 -18.94 -36.95
C ALA B 207 9.59 -21.32 -36.57
N TRP B 208 9.09 -18.75 -37.03
N TRP B 208 8.29 -21.04 -36.66
CA TRP B 208 8.21 -19.73 -36.41
CA TRP B 208 7.33 -21.92 -35.99
C TRP B 208 7.15 -20.31 -37.35
C TRP B 208 6.21 -22.45 -36.88
N GLN B 209 6.67 -19.53 -38.30
N GLN B 209 5.80 -21.67 -37.88
CA GLN B 209 5.64 -20.04 -39.21
CA GLN B 209 4.72 -22.10 -38.77
C GLN B 209 6.04 -21.11 -40.22
C GLN B 209 5.02 -23.22 -39.76
N ASN B 210 7.33 -21.27 -40.47
N ASN B 210 6.29 -23.56 -39.94
CA ASN B 210 7.78 -22.28 -41.42
CA ASN B 210 6.60 -24.63 -40.87
C ASN B 210 8.35 -23.50 -40.70
C ASN B 210 7.08 -25.88 -40.15
N GLU B 211 8.28 -23.51 -39.37
N GLU B 211 7.01 -25.86 -38.82
CA GLU B 211 8.76 -24.63 -38.57
CA GLU B 211 7.43 -26.99 -38.00
C GLU B 211 7.62 -25.63 -38.34
C GLU B 211 6.20 -27.85 -37.69
N SER B 212 7.62 -26.73 -39.10
N SER B 212 6.10 -28.98 -38.38
CA SER B 212 6.61 -27.82 -39.02
CA SER B 212 4.99 -29.93 -38.25
C SER B 212 6.15 -28.17 -37.63
C SER B 212 4.52 -30.20 -36.83
N SER B 213 7.12 -28.44 -36.77
N SER B 213 5.48 -30.51 -35.96
CA SER B 213 6.84 -28.87 -35.43
CA SER B 213 5.18 -30.86 -34.59
C SER B 213 6.07 -27.92 -34.52
C SER B 213 4.53 -29.79 -33.71
N ILE B 214 6.21 -26.60 -34.75
N ILE B 214 4.79 -28.51 -33.98
CA ILE B 214 5.52 -25.66 -33.86
CA ILE B 214 4.21 -27.44 -33.13
C ILE B 214 3.99 -25.71 -33.91
C ILE B 214 2.67 -27.36 -33.20
N GLU B 215 3.37 -25.97 -32.76
N GLU B 215 2.02 -27.52 -32.04
CA GLU B 215 1.92 -26.06 -32.65
CA GLU B 215 0.56 -27.47 -31.92
C GLU B 215 1.28 -24.80 -32.08
C GLU B 215 0.06 -26.15 -31.40
N ILE B 216 1.91 -24.23 -31.05
N ILE B 216 0.75 -25.62 -30.40
CA ILE B 216 1.38 -23.03 -30.40
CA ILE B 216 0.34 -24.37 -29.77
C ILE B 216 2.49 -22.12 -29.93
C ILE B 216 1.52 -23.51 -29.37
N VAL B 217 2.24 -20.82 -30.04
N VAL B 217 1.38 -22.20 -29.53
CA VAL B 217 3.21 -19.84 -29.58
CA VAL B 217 2.43 -21.28 -29.11
C VAL B 217 2.49 -18.90 -28.62
C VAL B 217 1.82 -20.25 -28.13
N ALA B 218 3.20 -18.47 -27.58
N ALA B 218 2.61 -19.84 -27.15
CA ALA B 218 2.63 -17.60 -26.55
CA ALA B 218 2.16 -18.87 -26.15
C ALA B 218 3.63 -16.48 -26.26
C ALA B 218 3.26 -17.85 -25.91
N ASP B 219 3.14 -15.26 -26.16
N ASP B 219 2.87 -16.58 -25.88
CA ASP B 219 3.98 -14.07 -25.97
CA ASP B 219 3.81 -15.48 -25.72
C ASP B 219 3.51 -13.21 -24.81
C ASP B 219 3.42 -14.52 -24.59
N TYR B 220 4.44 -12.86 -23.91
N TYR B 220 4.37 -14.22 -23.72
CA TYR B 220 4.11 -12.03 -22.75
CA TYR B 220 4.14 -13.33 -22.58
C TYR B 220 4.41 -10.53 -22.90
C TYR B 220 4.57 -11.88 -22.80
N ASN B 221 4.98 -10.11 -24.04
N ASN B 221 5.14 -11.59 -23.97
CA ASN B 221 5.26 -8.69 -24.27
CA ASN B 221 5.56 -10.24 -24.28
C ASN B 221 4.04 -8.09 -24.95
C ASN B 221 4.41 -9.53 -24.97
N ALA B 222 3.39 -7.14 -24.27
N ALA B 222 3.87 -8.49 -24.33
CA ALA B 222 2.19 -6.52 -24.81
CA ALA B 222 2.73 -7.76 -24.88
C ALA B 222 2.45 -5.25 -25.61
C ALA B 222 3.10 -6.57 -25.77
N GLN B 223 3.67 -4.73 -25.55
N GLN B 223 4.35 -6.13 -25.69
CA GLN B 223 4.02 -3.51 -26.26
CA GLN B 223 4.80 -4.98 -26.46
C GLN B 223 4.85 -3.73 -27.52
C GLN B 223 5.58 -5.33 -27.73
N PRO B 224 4.33 -3.28 -28.68
N PRO B 224 5.07 -4.88 -28.89
CA PRO B 224 5.00 -3.41 -29.98
CA PRO B 224 5.69 -5.11 -30.20
C PRO B 224 6.36 -2.75 -30.02
C PRO B 224 7.12 -4.59 -30.31
N PRO B 225 7.32 -3.36 -30.75
N PRO B 225 8.00 -5.33 -31.01
CA PRO B 225 7.12 -4.62 -31.48
CA PRO B 225 7.67 -6.60 -31.66
C PRO B 225 7.02 -5.80 -30.51
C PRO B 225 7.50 -7.71 -30.63
N LEU B 226 6.04 -6.68 -30.72
N LEU B 226 6.45 -8.51 -30.80
CA LEU B 226 5.83 -7.84 -29.86
CA LEU B 226 6.16 -9.59 -29.86
C LEU B 226 6.97 -8.84 -29.91
C LEU B 226 7.22 -10.70 -29.91
N GLY B 227 7.07 -9.67 -28.87
N GLY B 227 7.26 -11.50 -28.84
CA GLY B 227 8.13 -10.66 -28.81
CA GLY B 227 8.22 -12.59 -28.76
C GLY B 227 8.06 -11.63 -29.97
C GLY B 227 8.02 -13.61 -29.87
N ILE B 228 6.84 -11.96 -30.37
N ILE B 228 6.78 -13.79 -30.28
CA ILE B 228 6.63 -12.85 -31.49
CA ILE B 228 6.47 -14.72 -31.34
C ILE B 228 6.11 -12.05 -32.67
C ILE B 228 5.97 -13.93 -32.53
N GLY B 229 6.88 -12.02 -33.75
N GLY B 229 6.71 -14.01 -33.64
CA GLY B 229 6.49 -11.28 -34.92
CA GLY B 229 6.33 -13.29 -34.83
C GLY B 229 5.33 -11.92 -35.67
C GLY B 229 5.13 -13.89 -35.53
N GLY B 230 4.48 -11.10 -36.28
N GLY B 230 4.32 -13.03 -36.14
CA GLY B 230 3.35 -11.61 -37.04
CA GLY B 230 3.17 -13.50 -36.88
C GLY B 230 2.03 -11.80 -36.31
C GLY B 230 1.84 -13.53 -36.14
N ILE B 231 2.02 -11.73 -34.98
N ILE B 231 1.86 -13.32 -34.83
CA ILE B 231 0.74 -11.89 -34.29
CA ILE B 231 0.61 -13.34 -34.08
C ILE B 231 0.24 -10.56 -33.73
C ILE B 231 0.23 -11.97 -33.57
N ASP B 232 -0.87 -10.62 -33.02
N ASP B 232 -0.86 -11.91 -32.82
CA ASP B 232 -1.46 -9.45 -32.39
CA ASP B 232 -1.33 -10.66 -32.24
C ASP B 232 -1.55 -9.71 -30.89
C ASP B 232 -1.43 -10.84 -30.73
N ALA B 233 -1.28 -8.67 -30.10
N ALA B 233 -1.04 -9.81 -29.99
CA ALA B 233 -1.31 -8.75 -28.65
CA ALA B 233 -1.07 -9.84 -28.53
C ALA B 233 -2.58 -9.39 -28.10
C ALA B 233 -2.40 -10.25 -27.93
N THR B 234 -3.69 -9.26 -28.82
N THR B 234 -3.50 -9.87 -28.58
CA THR B 234 -4.94 -9.82 -28.35
CA THR B 234 -4.82 -10.22 -28.04
C THR B 234 -5.32 -11.29 -28.77
C THR B 234 -5.20 -11.59 -28.49
N ASP B 235 -4.46 -12.06 -29.46
CA ASP B 235 -4.77 -13.42 -29.93
C ASP B 235 -4.96 -14.32 -28.75
N LYS B 236 -6.03 -15.10 -28.75
CA LYS B 236 -6.27 -16.03 -27.68
C LYS B 236 -6.63 -17.37 -28.32
N GLY B 237 -5.60 -18.03 -28.84
CA GLY B 237 -5.83 -19.30 -29.49
C GLY B 237 -6.22 -19.06 -30.93
N LYS B 238 -5.78 -17.95 -31.51
CA LYS B 238 -6.09 -17.67 -32.90
C LYS B 238 -5.29 -18.62 -33.78
N GLU B 239 -5.81 -18.94 -34.97
CA GLU B 239 -5.15 -19.85 -35.90
C GLU B 239 -4.27 -19.18 -36.93
N TYR B 240 -3.12 -19.79 -37.19
CA TYR B 240 -2.19 -19.28 -38.18
C TYR B 240 -1.60 -20.51 -38.86
N GLY B 241 -2.49 -21.29 -39.48
CA GLY B 241 -2.11 -22.53 -40.15
C GLY B 241 -2.87 -23.56 -39.34
N GLY B 242 -2.19 -24.63 -38.96
CA GLY B 242 -2.84 -25.62 -38.12
C GLY B 242 -2.46 -25.25 -36.69
N LYS B 243 -1.61 -24.23 -36.59
CA LYS B 243 -1.09 -23.72 -35.33
C LYS B 243 -2.06 -22.73 -34.64
N ARG B 244 -1.74 -22.34 -33.40
CA ARG B 244 -2.58 -21.40 -32.63
C ARG B 244 -1.66 -20.48 -31.83
N ALA B 245 -2.09 -19.23 -31.64
CA ALA B 245 -1.28 -18.27 -30.90
C ALA B 245 -2.01 -17.56 -29.75
N PHE B 246 -1.24 -17.30 -28.68
CA PHE B 246 -1.74 -16.59 -27.51
C PHE B 246 -0.84 -15.37 -27.30
N GLY B 247 -1.40 -14.18 -27.49
CA GLY B 247 -0.63 -12.96 -27.31
C GLY B 247 -0.69 -12.61 -25.84
N ALA B 248 0.10 -11.63 -25.43
CA ALA B 248 0.15 -11.30 -24.00
C ALA B 248 -1.17 -10.75 -23.48
N LEU B 249 -1.89 -9.99 -24.31
CA LEU B 249 -3.15 -9.46 -23.85
C LEU B 249 -4.18 -10.57 -23.71
N GLY B 250 -4.16 -11.55 -24.60
CA GLY B 250 -5.12 -12.64 -24.51
C GLY B 250 -4.90 -13.42 -23.21
N ILE B 251 -3.62 -13.63 -22.90
CA ILE B 251 -3.24 -14.33 -21.68
C ILE B 251 -3.57 -13.46 -20.46
N GLY B 252 -3.28 -12.15 -20.57
CA GLY B 252 -3.52 -11.21 -19.49
C GLY B 252 -4.97 -11.10 -19.07
N GLY B 253 -5.87 -11.38 -20.01
CA GLY B 253 -7.29 -11.32 -19.71
C GLY B 253 -7.63 -12.38 -18.69
N LEU B 254 -7.08 -13.57 -18.88
CA LEU B 254 -7.35 -14.64 -17.93
C LEU B 254 -6.55 -14.35 -16.66
N LYS B 255 -5.30 -13.92 -16.79
CA LYS B 255 -4.51 -13.61 -15.59
C LYS B 255 -5.30 -12.67 -14.62
N LEU B 256 -5.95 -11.63 -15.15
CA LEU B 256 -6.71 -10.71 -14.27
C LEU B 256 -7.80 -11.42 -13.50
N LYS B 257 -8.63 -12.20 -14.21
CA LYS B 257 -9.70 -12.92 -13.57
C LYS B 257 -9.17 -13.92 -12.56
N LEU B 258 -8.07 -14.58 -12.91
CA LEU B 258 -7.46 -15.57 -12.02
C LEU B 258 -6.94 -14.90 -10.74
N HIS B 259 -6.22 -13.81 -10.91
CA HIS B 259 -5.65 -13.10 -9.76
C HIS B 259 -6.84 -12.60 -8.85
N ARG B 260 -7.91 -12.07 -9.43
CA ARG B 260 -9.03 -11.66 -8.58
C ARG B 260 -9.59 -12.88 -7.83
N ALA B 261 -9.72 -14.00 -8.55
CA ALA B 261 -10.29 -15.20 -7.97
C ALA B 261 -9.43 -15.75 -6.85
N CYS B 262 -8.12 -15.66 -6.98
CA CYS B 262 -7.27 -16.15 -5.88
C CYS B 262 -7.51 -15.32 -4.63
N ILE B 263 -7.60 -14.00 -4.80
CA ILE B 263 -7.80 -13.15 -3.63
C ILE B 263 -9.04 -13.60 -2.88
N ALA B 264 -10.11 -13.94 -3.62
CA ALA B 264 -11.32 -14.33 -2.96
C ALA B 264 -11.08 -15.62 -2.16
N LYS B 265 -10.30 -16.54 -2.70
CA LYS B 265 -10.02 -17.81 -2.02
C LYS B 265 -9.31 -17.61 -0.68
N LEU B 266 -8.52 -16.54 -0.56
CA LEU B 266 -7.78 -16.28 0.70
C LEU B 266 -8.73 -16.09 1.90
N PHE B 267 -9.97 -15.69 1.64
CA PHE B 267 -10.97 -15.47 2.69
C PHE B 267 -11.94 -16.62 2.93
N GLU B 268 -11.74 -17.74 2.23
CA GLU B 268 -12.60 -18.91 2.39
C GLU B 268 -12.10 -19.90 3.44
N SER B 269 -10.84 -19.73 3.87
CA SER B 269 -10.26 -20.58 4.94
C SER B 269 -9.03 -19.82 5.43
N SER B 270 -8.43 -20.26 6.52
CA SER B 270 -7.22 -19.62 7.02
C SER B 270 -6.00 -20.50 6.76
N GLU B 271 -6.14 -21.45 5.86
CA GLU B 271 -5.05 -22.37 5.56
C GLU B 271 -4.58 -22.36 4.12
N GLY B 272 -5.08 -21.43 3.32
CA GLY B 272 -4.66 -21.43 1.93
C GLY B 272 -3.23 -20.99 1.67
N VAL B 273 -2.55 -21.65 0.73
CA VAL B 273 -1.20 -21.25 0.36
C VAL B 273 -1.21 -21.15 -1.15
N PHE B 274 -1.32 -19.93 -1.66
CA PHE B 274 -1.38 -19.73 -3.09
C PHE B 274 -0.07 -19.28 -3.72
N ASP B 275 0.68 -20.26 -4.22
CA ASP B 275 1.96 -20.03 -4.89
C ASP B 275 1.67 -20.68 -6.26
N ALA B 276 2.71 -20.90 -7.07
CA ALA B 276 2.52 -21.49 -8.40
C ALA B 276 1.63 -22.72 -8.49
N GLU B 277 1.79 -23.67 -7.58
CA GLU B 277 0.96 -24.88 -7.66
C GLU B 277 -0.54 -24.70 -7.55
N GLU B 278 -0.97 -24.02 -6.50
CA GLU B 278 -2.39 -23.81 -6.28
C GLU B 278 -2.97 -22.79 -7.27
N ILE B 279 -2.17 -21.80 -7.62
CA ILE B 279 -2.66 -20.80 -8.57
C ILE B 279 -2.91 -21.48 -9.93
N TYR B 280 -1.95 -22.30 -10.38
CA TYR B 280 -2.10 -23.03 -11.63
C TYR B 280 -3.31 -23.99 -11.59
N LYS B 281 -3.50 -24.68 -10.46
CA LYS B 281 -4.65 -25.53 -10.31
C LYS B 281 -5.96 -24.73 -10.51
N LEU B 282 -6.02 -23.48 -9.99
CA LEU B 282 -7.22 -22.66 -10.21
C LEU B 282 -7.23 -22.16 -11.66
N ALA B 283 -6.07 -21.79 -12.20
CA ALA B 283 -5.99 -21.35 -13.60
C ALA B 283 -6.58 -22.40 -14.59
N LYS B 284 -6.32 -23.68 -14.32
CA LYS B 284 -6.84 -24.73 -15.20
C LYS B 284 -8.35 -24.80 -15.06
N GLU B 285 -8.87 -24.62 -13.85
CA GLU B 285 -10.30 -24.65 -13.66
C GLU B 285 -10.99 -23.51 -14.40
N MET B 286 -10.32 -22.36 -14.50
CA MET B 286 -10.92 -21.20 -15.13
C MET B 286 -10.61 -20.96 -16.61
N ALA B 287 -9.56 -21.58 -17.15
CA ALA B 287 -9.16 -21.34 -18.54
C ALA B 287 -10.22 -21.73 -19.59
N SER C 1 -21.39 10.01 8.40
CA SER C 1 -20.02 10.27 7.88
C SER C 1 -19.21 9.01 8.18
N LYS C 2 -18.26 8.68 7.32
CA LYS C 2 -17.42 7.49 7.49
C LYS C 2 -16.50 7.74 8.67
N LYS C 3 -16.34 6.70 9.46
N LYS C 3 -16.35 6.72 9.50
CA LYS C 3 -15.47 6.74 10.64
CA LYS C 3 -15.48 6.84 10.66
C LYS C 3 -14.02 6.57 10.21
C LYS C 3 -14.04 6.60 10.23
N LEU C 4 -13.23 7.65 10.28
CA LEU C 4 -11.85 7.58 9.85
C LEU C 4 -10.86 7.57 11.00
N LEU C 5 -10.02 6.55 11.05
CA LEU C 5 -9.01 6.47 12.14
C LEU C 5 -7.64 6.75 11.50
N PHE C 6 -6.90 7.70 12.09
CA PHE C 6 -5.58 8.05 11.60
C PHE C 6 -4.64 7.48 12.62
N GLN C 7 -3.81 6.54 12.18
CA GLN C 7 -2.88 5.80 13.05
C GLN C 7 -1.52 6.40 12.88
N PHE C 8 -0.95 6.89 13.98
CA PHE C 8 0.38 7.54 13.94
C PHE C 8 1.24 6.61 14.77
N ASP C 9 2.19 5.95 14.12
CA ASP C 9 3.05 4.97 14.74
C ASP C 9 4.47 5.53 14.76
N THR C 10 5.12 5.37 15.91
CA THR C 10 6.47 5.89 16.05
C THR C 10 7.50 4.98 15.43
N ASP C 11 7.10 3.75 15.14
CA ASP C 11 8.02 2.81 14.47
C ASP C 11 8.08 3.15 13.00
N ALA C 12 8.91 2.44 12.24
CA ALA C 12 9.06 2.75 10.82
C ALA C 12 7.81 2.51 9.97
N THR C 13 6.96 1.55 10.35
CA THR C 13 5.71 1.32 9.62
C THR C 13 4.62 1.09 10.68
N PRO C 14 3.35 1.27 10.30
CA PRO C 14 2.30 1.06 11.30
C PRO C 14 2.10 -0.41 11.70
N SER C 15 1.74 -0.61 12.96
CA SER C 15 1.53 -1.93 13.54
C SER C 15 0.37 -2.66 12.83
N VAL C 16 0.63 -3.85 12.31
CA VAL C 16 -0.43 -4.65 11.69
C VAL C 16 -1.47 -5.02 12.77
N PHE C 17 -0.99 -5.30 13.98
CA PHE C 17 -1.87 -5.69 15.08
C PHE C 17 -2.90 -4.57 15.35
N ASP C 18 -2.41 -3.34 15.40
CA ASP C 18 -3.30 -2.22 15.70
C ASP C 18 -4.31 -1.97 14.55
N VAL C 19 -3.92 -2.27 13.33
CA VAL C 19 -4.85 -2.10 12.17
C VAL C 19 -6.00 -3.06 12.29
N VAL C 20 -5.69 -4.33 12.50
CA VAL C 20 -6.76 -5.33 12.62
C VAL C 20 -7.73 -4.98 13.76
N VAL C 21 -7.20 -4.65 14.94
CA VAL C 21 -8.10 -4.34 16.06
C VAL C 21 -8.89 -3.06 15.74
N GLY C 22 -8.28 -2.13 14.99
CA GLY C 22 -8.97 -0.88 14.64
C GLY C 22 -10.22 -1.15 13.79
N TYR C 23 -10.08 -2.06 12.83
CA TYR C 23 -11.23 -2.41 11.97
C TYR C 23 -12.28 -3.18 12.79
N ASP C 24 -11.82 -4.09 13.65
CA ASP C 24 -12.75 -4.81 14.48
C ASP C 24 -13.41 -3.92 15.50
N GLY C 25 -12.78 -2.80 15.83
CA GLY C 25 -13.39 -1.85 16.76
C GLY C 25 -14.38 -0.95 16.06
N GLY C 26 -14.51 -1.09 14.73
CA GLY C 26 -15.47 -0.25 14.04
C GLY C 26 -14.97 0.90 13.19
N ALA C 27 -13.66 1.11 13.01
CA ALA C 27 -13.27 2.18 12.08
C ALA C 27 -13.74 1.77 10.67
N ASP C 28 -14.20 2.72 9.86
CA ASP C 28 -14.58 2.39 8.48
C ASP C 28 -13.32 2.39 7.62
N HIS C 29 -12.35 3.24 7.97
CA HIS C 29 -11.08 3.35 7.25
C HIS C 29 -9.97 3.71 8.21
N ILE C 30 -8.80 3.13 7.97
CA ILE C 30 -7.64 3.40 8.79
C ILE C 30 -6.52 3.88 7.86
N THR C 31 -6.00 5.07 8.13
CA THR C 31 -4.89 5.59 7.30
C THR C 31 -3.71 5.65 8.26
N GLY C 32 -2.62 4.95 7.95
CA GLY C 32 -1.49 4.87 8.85
C GLY C 32 -0.21 5.55 8.40
N TYR C 33 0.51 6.05 9.38
CA TYR C 33 1.77 6.73 9.15
C TYR C 33 2.81 6.13 10.10
N GLY C 34 4.03 5.95 9.58
CA GLY C 34 5.12 5.49 10.41
C GLY C 34 6.09 6.67 10.61
N ASN C 35 7.11 6.46 11.43
CA ASN C 35 8.10 7.49 11.68
C ASN C 35 7.49 8.79 12.18
N VAL C 36 6.41 8.70 12.97
CA VAL C 36 5.78 9.92 13.43
C VAL C 36 6.56 10.47 14.63
N THR C 37 6.72 11.80 14.68
CA THR C 37 7.46 12.47 15.76
C THR C 37 6.67 13.65 16.27
N PRO C 38 7.05 14.15 17.47
CA PRO C 38 6.32 15.32 18.00
C PRO C 38 6.40 16.44 16.98
N ASP C 39 7.39 16.38 16.11
CA ASP C 39 7.49 17.44 15.13
C ASP C 39 6.62 17.35 13.88
N ASN C 40 6.54 16.19 13.26
CA ASN C 40 5.77 16.13 12.05
C ASN C 40 4.29 15.83 12.27
N VAL C 41 3.92 15.47 13.51
CA VAL C 41 2.53 15.13 13.76
C VAL C 41 1.53 16.28 13.75
N GLY C 42 2.00 17.48 14.05
CA GLY C 42 1.11 18.62 14.07
C GLY C 42 0.39 18.83 12.74
N ALA C 43 1.10 18.71 11.62
CA ALA C 43 0.49 18.90 10.33
C ALA C 43 -0.55 17.80 10.08
N TYR C 44 -0.28 16.58 10.55
CA TYR C 44 -1.25 15.49 10.37
C TYR C 44 -2.52 15.85 11.17
N VAL C 45 -2.32 16.32 12.38
CA VAL C 45 -3.47 16.67 13.21
C VAL C 45 -4.30 17.77 12.55
N ASP C 46 -3.63 18.77 11.94
CA ASP C 46 -4.37 19.88 11.30
C ASP C 46 -5.36 19.26 10.29
N GLY C 47 -4.91 18.19 9.61
CA GLY C 47 -5.77 17.51 8.65
C GLY C 47 -7.01 16.87 9.27
N THR C 48 -6.95 16.51 10.54
CA THR C 48 -8.12 15.94 11.21
C THR C 48 -9.06 17.00 11.80
N ILE C 49 -8.58 18.20 12.10
CA ILE C 49 -9.45 19.18 12.75
C ILE C 49 -9.99 20.30 11.87
N TYR C 50 -9.47 20.44 10.66
CA TYR C 50 -9.93 21.49 9.76
C TYR C 50 -10.71 20.99 8.56
N THR C 51 -11.03 19.69 8.56
CA THR C 51 -11.75 19.10 7.41
C THR C 51 -13.21 18.79 7.60
N ARG C 52 -13.60 18.64 8.86
CA ARG C 52 -14.96 18.32 9.22
C ARG C 52 -15.44 19.29 10.29
N GLY C 53 -16.71 19.66 10.22
CA GLY C 53 -17.27 20.59 11.17
C GLY C 53 -18.40 20.02 12.01
N GLY C 54 -18.63 20.66 13.15
CA GLY C 54 -19.68 20.25 14.06
C GLY C 54 -19.67 18.81 14.50
N LYS C 55 -20.82 18.17 14.36
CA LYS C 55 -21.01 16.78 14.77
C LYS C 55 -20.12 15.83 13.99
N GLU C 56 -19.80 16.22 12.75
CA GLU C 56 -18.97 15.38 11.90
C GLU C 56 -17.57 15.13 12.44
N LYS C 57 -17.04 16.00 13.28
CA LYS C 57 -15.70 15.77 13.82
C LYS C 57 -15.61 14.47 14.63
N GLN C 58 -16.73 14.06 15.24
CA GLN C 58 -16.62 12.85 16.04
C GLN C 58 -16.41 11.63 15.17
N SER C 59 -16.51 11.81 13.86
CA SER C 59 -16.29 10.69 12.97
C SER C 59 -14.84 10.56 12.51
N THR C 60 -13.95 11.40 13.04
CA THR C 60 -12.53 11.26 12.73
C THR C 60 -11.85 11.11 14.08
N ALA C 61 -10.87 10.20 14.18
CA ALA C 61 -10.14 10.04 15.44
C ALA C 61 -8.70 9.68 15.21
N ILE C 62 -7.87 9.76 16.27
CA ILE C 62 -6.45 9.53 16.16
C ILE C 62 -6.01 8.39 17.10
N PHE C 63 -5.07 7.58 16.67
CA PHE C 63 -4.58 6.47 17.49
C PHE C 63 -3.09 6.57 17.37
N VAL C 64 -2.40 6.71 18.51
CA VAL C 64 -0.94 6.82 18.53
C VAL C 64 -0.41 5.54 19.11
N GLY C 65 0.56 4.95 18.42
CA GLY C 65 1.12 3.70 18.87
C GLY C 65 2.56 3.53 18.43
N GLY C 66 3.06 2.31 18.53
CA GLY C 66 4.45 1.99 18.22
C GLY C 66 5.04 1.22 19.43
N GLY C 67 6.29 0.79 19.32
CA GLY C 67 6.86 0.00 20.39
C GLY C 67 7.43 0.78 21.56
N ASP C 68 7.93 1.98 21.30
CA ASP C 68 8.54 2.79 22.37
C ASP C 68 7.50 3.65 23.08
N MET C 69 7.20 3.31 24.33
CA MET C 69 6.17 4.03 25.08
C MET C 69 6.46 5.52 25.27
N ALA C 70 7.69 5.84 25.66
CA ALA C 70 8.07 7.24 25.87
C ALA C 70 7.90 8.04 24.55
N ALA C 71 8.32 7.48 23.41
CA ALA C 71 8.15 8.19 22.12
C ALA C 71 6.65 8.39 21.82
N GLY C 72 5.85 7.36 22.08
CA GLY C 72 4.42 7.46 21.87
C GLY C 72 3.82 8.57 22.74
N GLU C 73 4.29 8.65 23.99
CA GLU C 73 3.78 9.69 24.90
C GLU C 73 4.13 11.09 24.39
N ARG C 74 5.33 11.24 23.81
CA ARG C 74 5.74 12.55 23.27
C ARG C 74 4.86 12.93 22.08
N VAL C 75 4.61 11.98 21.20
CA VAL C 75 3.74 12.26 20.06
C VAL C 75 2.33 12.60 20.58
N PHE C 76 1.85 11.83 21.54
CA PHE C 76 0.49 12.02 22.07
C PHE C 76 0.35 13.41 22.69
N GLU C 77 1.39 13.91 23.39
CA GLU C 77 1.32 15.27 23.95
C GLU C 77 1.31 16.29 22.80
N ALA C 78 2.14 16.08 21.77
CA ALA C 78 2.17 17.01 20.64
C ALA C 78 0.79 17.05 19.93
N VAL C 79 0.07 15.92 19.92
CA VAL C 79 -1.26 15.86 19.31
C VAL C 79 -2.23 16.71 20.12
N LYS C 80 -2.26 16.50 21.44
CA LYS C 80 -3.18 17.27 22.27
C LYS C 80 -2.86 18.79 22.23
N LYS C 81 -1.59 19.14 22.10
CA LYS C 81 -1.18 20.56 22.02
C LYS C 81 -1.64 21.24 20.74
N ARG C 82 -1.82 20.45 19.68
CA ARG C 82 -2.22 21.04 18.40
C ARG C 82 -3.71 21.41 18.38
N PHE C 83 -4.51 20.74 19.20
CA PHE C 83 -5.93 21.05 19.25
C PHE C 83 -6.08 22.48 19.75
N PHE C 84 -7.19 23.11 19.35
N PHE C 84 -7.18 23.14 19.38
CA PHE C 84 -7.47 24.49 19.69
CA PHE C 84 -7.42 24.49 19.87
C PHE C 84 -8.98 24.64 19.89
C PHE C 84 -8.92 24.68 19.89
N GLY C 85 -9.40 25.16 21.03
CA GLY C 85 -10.82 25.35 21.24
C GLY C 85 -11.62 24.12 20.86
N PRO C 86 -12.65 24.27 20.00
CA PRO C 86 -13.54 23.22 19.52
C PRO C 86 -12.87 22.40 18.38
N PHE C 87 -11.67 22.82 17.98
N PHE C 87 -11.68 22.81 17.97
CA PHE C 87 -10.96 22.13 16.92
CA PHE C 87 -11.00 22.10 16.91
C PHE C 87 -10.12 20.98 17.49
C PHE C 87 -10.14 20.98 17.47
N ARG C 88 -10.76 19.82 17.65
CA ARG C 88 -10.08 18.64 18.19
C ARG C 88 -10.91 17.44 17.80
N VAL C 89 -10.35 16.24 17.98
CA VAL C 89 -11.08 14.99 17.68
C VAL C 89 -10.65 14.06 18.79
N SER C 90 -11.32 12.93 18.97
CA SER C 90 -10.92 11.99 20.04
C SER C 90 -9.57 11.37 19.72
N CYS C 91 -8.76 11.04 20.75
CA CYS C 91 -7.48 10.44 20.46
C CYS C 91 -7.22 9.34 21.51
N MET C 92 -6.39 8.37 21.14
CA MET C 92 -6.08 7.25 22.03
C MET C 92 -4.59 6.94 21.91
N LEU C 93 -4.02 6.45 23.02
CA LEU C 93 -2.60 6.12 23.08
C LEU C 93 -2.50 4.69 23.51
N ASP C 94 -1.70 3.91 22.83
CA ASP C 94 -1.53 2.52 23.27
C ASP C 94 -0.36 2.05 22.44
N SER C 95 0.81 2.03 23.04
CA SER C 95 2.02 1.64 22.33
C SER C 95 2.25 0.17 22.58
N ASN C 96 1.93 -0.68 21.62
CA ASN C 96 2.16 -2.09 21.82
C ASN C 96 1.39 -2.59 23.05
N GLY C 97 0.17 -2.11 23.25
CA GLY C 97 -0.61 -2.56 24.39
C GLY C 97 -0.21 -2.06 25.78
N SER C 98 0.69 -1.08 25.84
CA SER C 98 1.12 -0.53 27.13
C SER C 98 -0.07 -0.16 28.05
N ASN C 99 -1.09 0.48 27.49
CA ASN C 99 -2.26 0.83 28.25
C ASN C 99 -3.32 -0.28 28.32
N THR C 100 -3.67 -0.84 27.17
CA THR C 100 -4.73 -1.85 27.19
C THR C 100 -4.37 -3.11 27.93
N THR C 101 -3.14 -3.58 27.80
CA THR C 101 -2.73 -4.74 28.56
C THR C 101 -2.74 -4.51 30.05
N ALA C 102 -2.10 -3.42 30.48
CA ALA C 102 -2.03 -3.11 31.90
C ALA C 102 -3.44 -2.89 32.48
N ALA C 103 -4.29 -2.16 31.77
CA ALA C 103 -5.65 -1.91 32.25
C ALA C 103 -6.40 -3.21 32.39
N ALA C 104 -6.25 -4.12 31.44
CA ALA C 104 -6.97 -5.41 31.55
C ALA C 104 -6.44 -6.18 32.78
N GLY C 105 -5.11 -6.24 32.92
CA GLY C 105 -4.52 -6.96 34.05
C GLY C 105 -4.99 -6.43 35.39
N VAL C 106 -4.84 -5.12 35.59
CA VAL C 106 -5.25 -4.53 36.86
C VAL C 106 -6.76 -4.62 37.09
N ALA C 107 -7.57 -4.43 36.05
CA ALA C 107 -9.02 -4.52 36.27
C ALA C 107 -9.43 -5.91 36.72
N LEU C 108 -8.81 -6.93 36.13
CA LEU C 108 -9.12 -8.32 36.49
C LEU C 108 -8.73 -8.60 37.94
N VAL C 109 -7.59 -8.08 38.34
CA VAL C 109 -7.14 -8.31 39.72
C VAL C 109 -8.01 -7.57 40.74
N VAL C 110 -8.31 -6.30 40.47
CA VAL C 110 -9.15 -5.49 41.36
C VAL C 110 -10.52 -6.14 41.47
N LYS C 111 -11.03 -6.64 40.35
CA LYS C 111 -12.31 -7.31 40.40
C LYS C 111 -12.20 -8.57 41.28
N ALA C 112 -11.15 -9.37 41.07
CA ALA C 112 -11.02 -10.60 41.88
C ALA C 112 -10.77 -10.33 43.36
N ALA C 113 -10.22 -9.16 43.68
CA ALA C 113 -9.96 -8.78 45.07
C ALA C 113 -11.24 -8.34 45.77
N GLY C 114 -12.34 -8.24 45.03
CA GLY C 114 -13.58 -7.79 45.64
C GLY C 114 -13.98 -6.38 45.27
N GLY C 115 -13.24 -5.73 44.36
CA GLY C 115 -13.64 -4.38 43.97
C GLY C 115 -12.74 -3.26 44.48
N SER C 116 -11.86 -3.60 45.43
CA SER C 116 -10.95 -2.60 45.99
C SER C 116 -9.63 -3.23 46.40
N VAL C 117 -8.54 -2.51 46.19
CA VAL C 117 -7.26 -3.03 46.61
C VAL C 117 -6.63 -1.97 47.50
N LYS C 118 -7.48 -1.04 47.93
CA LYS C 118 -7.03 0.08 48.74
C LYS C 118 -6.40 -0.36 50.07
N GLY C 119 -5.22 0.19 50.32
CA GLY C 119 -4.50 -0.13 51.54
C GLY C 119 -3.71 -1.43 51.47
N LYS C 120 -3.90 -2.20 50.40
CA LYS C 120 -3.14 -3.46 50.30
C LYS C 120 -1.82 -3.23 49.56
N LYS C 121 -0.96 -4.24 49.62
CA LYS C 121 0.33 -4.14 48.96
C LYS C 121 0.46 -4.94 47.67
N ALA C 122 0.94 -4.26 46.64
CA ALA C 122 1.14 -4.85 45.34
C ALA C 122 2.59 -4.66 44.95
N VAL C 123 3.18 -5.72 44.43
CA VAL C 123 4.56 -5.68 43.99
C VAL C 123 4.57 -5.98 42.51
N VAL C 124 5.19 -5.12 41.73
CA VAL C 124 5.27 -5.36 40.28
C VAL C 124 6.70 -5.77 39.91
N LEU C 125 6.92 -7.05 39.60
CA LEU C 125 8.26 -7.51 39.24
C LEU C 125 8.63 -7.12 37.81
N ALA C 126 9.86 -6.68 37.65
CA ALA C 126 10.36 -6.20 36.36
C ALA C 126 9.35 -5.14 35.87
N GLY C 127 9.03 -4.21 36.77
CA GLY C 127 8.07 -3.16 36.46
C GLY C 127 8.62 -1.95 35.71
N THR C 128 9.86 -2.00 35.23
CA THR C 128 10.35 -0.81 34.54
C THR C 128 9.91 -0.73 33.07
N GLY C 129 9.38 -1.82 32.53
CA GLY C 129 8.89 -1.81 31.17
C GLY C 129 7.53 -1.08 31.01
N PRO C 130 7.03 -0.92 29.78
CA PRO C 130 5.75 -0.21 29.57
C PRO C 130 4.57 -0.71 30.37
N VAL C 131 4.30 -2.02 30.26
CA VAL C 131 3.15 -2.59 30.95
C VAL C 131 3.32 -2.57 32.48
N GLY C 132 4.54 -2.83 32.96
CA GLY C 132 4.76 -2.79 34.39
C GLY C 132 4.50 -1.36 34.91
N MET C 133 4.98 -0.37 34.18
CA MET C 133 4.83 1.00 34.66
C MET C 133 3.38 1.40 34.68
N ARG C 134 2.66 1.07 33.61
CA ARG C 134 1.27 1.43 33.59
C ARG C 134 0.47 0.63 34.62
N SER C 135 0.86 -0.63 34.90
CA SER C 135 0.14 -1.41 35.90
C SER C 135 0.35 -0.77 37.27
N ALA C 136 1.60 -0.39 37.53
CA ALA C 136 1.91 0.28 38.79
C ALA C 136 1.05 1.54 38.96
N ALA C 137 0.90 2.32 37.90
CA ALA C 137 0.14 3.58 37.96
C ALA C 137 -1.31 3.37 38.28
N LEU C 138 -1.92 2.39 37.62
CA LEU C 138 -3.34 2.10 37.84
C LEU C 138 -3.55 1.49 39.23
N LEU C 139 -2.63 0.64 39.67
CA LEU C 139 -2.78 0.09 41.01
C LEU C 139 -2.66 1.23 42.05
N ALA C 140 -1.74 2.15 41.82
CA ALA C 140 -1.54 3.23 42.80
C ALA C 140 -2.78 4.12 42.80
N GLY C 141 -3.40 4.23 41.62
CA GLY C 141 -4.61 5.04 41.52
C GLY C 141 -5.73 4.38 42.31
N GLU C 142 -5.71 3.07 42.42
CA GLU C 142 -6.74 2.34 43.18
C GLU C 142 -6.42 2.37 44.68
N GLY C 143 -5.36 3.08 45.06
CA GLY C 143 -5.01 3.16 46.47
C GLY C 143 -4.16 2.02 47.03
N ALA C 144 -3.64 1.15 46.17
CA ALA C 144 -2.78 0.09 46.67
C ALA C 144 -1.40 0.72 46.96
N GLU C 145 -0.68 0.10 47.88
CA GLU C 145 0.69 0.52 48.19
C GLU C 145 1.47 -0.29 47.15
N VAL C 146 2.14 0.41 46.24
CA VAL C 146 2.84 -0.25 45.15
C VAL C 146 4.36 -0.20 45.22
N VAL C 147 5.00 -1.33 44.92
CA VAL C 147 6.44 -1.33 44.83
C VAL C 147 6.80 -1.76 43.42
N LEU C 148 7.52 -0.87 42.74
CA LEU C 148 7.96 -1.11 41.39
C LEU C 148 9.42 -1.58 41.39
N CYS C 149 9.64 -2.86 41.03
CA CYS C 149 10.97 -3.45 41.01
C CYS C 149 11.69 -3.43 39.65
N GLY C 150 13.01 -3.24 39.70
CA GLY C 150 13.83 -3.25 38.49
C GLY C 150 15.17 -3.87 38.84
N ARG C 151 15.93 -4.25 37.82
CA ARG C 151 17.23 -4.86 38.01
C ARG C 151 18.22 -3.90 38.72
N LYS C 152 18.12 -2.61 38.43
N LYS C 152 18.12 -2.61 38.44
CA LYS C 152 18.98 -1.61 39.05
CA LYS C 152 18.99 -1.60 39.06
C LYS C 152 18.09 -0.55 39.69
C LYS C 152 18.14 -0.49 39.66
N LEU C 153 18.47 -0.07 40.88
CA LEU C 153 17.69 0.96 41.55
C LEU C 153 17.54 2.23 40.72
N ASP C 154 18.55 2.64 39.96
CA ASP C 154 18.36 3.87 39.20
C ASP C 154 17.23 3.73 38.17
N LYS C 155 17.15 2.60 37.49
CA LYS C 155 16.10 2.43 36.50
C LYS C 155 14.73 2.26 37.17
N ALA C 156 14.68 1.56 38.30
CA ALA C 156 13.42 1.35 39.02
C ALA C 156 12.91 2.70 39.53
N GLN C 157 13.80 3.50 40.11
CA GLN C 157 13.39 4.78 40.62
C GLN C 157 13.00 5.78 39.52
N ALA C 158 13.70 5.71 38.39
CA ALA C 158 13.39 6.58 37.27
C ALA C 158 11.98 6.22 36.75
N ALA C 159 11.65 4.91 36.77
CA ALA C 159 10.31 4.46 36.32
C ALA C 159 9.27 4.90 37.33
N ALA C 160 9.58 4.74 38.61
CA ALA C 160 8.62 5.15 39.63
C ALA C 160 8.40 6.68 39.59
N ASP C 161 9.45 7.45 39.31
CA ASP C 161 9.32 8.89 39.32
C ASP C 161 8.42 9.29 38.15
N SER C 162 8.68 8.69 37.00
CA SER C 162 7.91 9.02 35.81
C SER C 162 6.43 8.73 36.08
N VAL C 163 6.15 7.56 36.63
CA VAL C 163 4.78 7.18 36.97
C VAL C 163 4.16 8.19 37.95
N ASN C 164 4.90 8.52 39.01
CA ASN C 164 4.39 9.44 40.03
C ASN C 164 4.05 10.82 39.54
N LYS C 165 4.87 11.33 38.62
CA LYS C 165 4.70 12.66 38.05
C LYS C 165 3.50 12.69 37.09
N ARG C 166 3.44 11.70 36.20
CA ARG C 166 2.33 11.63 35.24
C ARG C 166 1.01 11.37 35.91
N PHE C 167 0.98 10.42 36.84
CA PHE C 167 -0.27 10.06 37.48
C PHE C 167 -0.59 10.65 38.85
N LYS C 168 0.31 11.49 39.37
CA LYS C 168 0.08 12.10 40.68
C LYS C 168 -0.10 11.03 41.74
N VAL C 169 0.76 10.02 41.75
CA VAL C 169 0.68 8.98 42.76
C VAL C 169 2.04 8.88 43.43
N ASN C 170 2.18 7.89 44.31
CA ASN C 170 3.42 7.72 45.07
C ASN C 170 3.92 6.28 45.08
N VAL C 171 4.30 5.79 43.92
CA VAL C 171 4.81 4.44 43.83
C VAL C 171 6.23 4.45 44.41
N THR C 172 6.61 3.36 45.07
CA THR C 172 7.95 3.14 45.65
C THR C 172 8.81 2.25 44.72
N ALA C 173 10.10 2.55 44.60
CA ALA C 173 10.96 1.74 43.74
C ALA C 173 11.77 0.78 44.60
N ALA C 174 12.20 -0.34 44.00
CA ALA C 174 13.03 -1.29 44.72
C ALA C 174 13.94 -1.99 43.71
N GLU C 175 15.16 -2.32 44.12
CA GLU C 175 16.07 -3.03 43.25
C GLU C 175 16.01 -4.52 43.60
N THR C 176 15.87 -5.36 42.58
CA THR C 176 15.85 -6.81 42.74
C THR C 176 16.84 -7.25 41.65
N ALA C 177 18.09 -7.40 42.03
CA ALA C 177 19.12 -7.75 41.05
C ALA C 177 19.17 -9.20 40.63
N ASP C 178 18.49 -10.05 41.39
CA ASP C 178 18.52 -11.49 41.08
C ASP C 178 17.29 -12.23 41.58
N ASP C 179 17.27 -13.53 41.30
CA ASP C 179 16.15 -14.41 41.68
C ASP C 179 15.80 -14.30 43.15
N ALA C 180 16.82 -14.34 43.99
CA ALA C 180 16.60 -14.27 45.42
C ALA C 180 15.94 -12.96 45.84
N SER C 181 16.39 -11.86 45.26
CA SER C 181 15.79 -10.57 45.64
C SER C 181 14.31 -10.50 45.21
N ARG C 182 13.96 -11.10 44.08
CA ARG C 182 12.56 -11.07 43.67
C ARG C 182 11.72 -11.94 44.60
N ALA C 183 12.28 -13.05 45.07
CA ALA C 183 11.56 -13.93 45.98
C ALA C 183 11.34 -13.17 47.29
N GLU C 184 12.32 -12.36 47.68
CA GLU C 184 12.19 -11.59 48.91
C GLU C 184 11.10 -10.52 48.78
N ALA C 185 11.22 -9.74 47.71
CA ALA C 185 10.35 -8.62 47.42
C ALA C 185 8.86 -8.88 47.53
N VAL C 186 8.44 -10.11 47.21
CA VAL C 186 7.04 -10.43 47.26
C VAL C 186 6.56 -10.87 48.64
N LYS C 187 7.47 -10.91 49.63
CA LYS C 187 7.05 -11.35 50.94
C LYS C 187 6.16 -10.29 51.60
N GLY C 188 5.04 -10.73 52.14
CA GLY C 188 4.14 -9.77 52.77
C GLY C 188 3.19 -9.08 51.78
N ALA C 189 3.41 -9.26 50.47
CA ALA C 189 2.57 -8.63 49.45
C ALA C 189 1.24 -9.35 49.30
N HIS C 190 0.20 -8.61 48.89
CA HIS C 190 -1.10 -9.23 48.65
C HIS C 190 -1.32 -9.51 47.17
N PHE C 191 -0.72 -8.69 46.29
CA PHE C 191 -0.90 -8.84 44.84
C PHE C 191 0.42 -8.77 44.16
N VAL C 192 0.73 -9.76 43.35
CA VAL C 192 2.00 -9.74 42.65
C VAL C 192 1.78 -9.84 41.16
N PHE C 193 2.42 -8.92 40.44
CA PHE C 193 2.36 -8.85 38.97
C PHE C 193 3.80 -9.06 38.43
N THR C 194 3.93 -9.79 37.33
CA THR C 194 5.22 -10.03 36.63
C THR C 194 5.08 -9.44 35.21
N ALA C 195 5.96 -8.49 34.88
CA ALA C 195 5.90 -7.78 33.59
C ALA C 195 7.23 -7.81 32.86
N GLY C 196 7.89 -8.97 32.90
CA GLY C 196 9.20 -9.12 32.27
C GLY C 196 9.29 -9.63 30.85
N ALA C 197 10.53 -9.90 30.43
CA ALA C 197 10.78 -10.36 29.09
C ALA C 197 10.10 -11.69 28.80
N ILE C 198 9.78 -11.87 27.53
CA ILE C 198 9.14 -13.08 27.03
C ILE C 198 10.00 -14.32 27.30
N GLY C 199 9.36 -15.42 27.68
CA GLY C 199 10.09 -16.66 27.92
C GLY C 199 11.03 -16.63 29.12
N LEU C 200 10.73 -15.76 30.08
CA LEU C 200 11.55 -15.65 31.28
C LEU C 200 10.74 -15.78 32.57
N GLU C 201 11.14 -16.70 33.44
CA GLU C 201 10.43 -16.87 34.70
C GLU C 201 11.02 -15.91 35.73
N LEU C 202 10.17 -15.20 36.46
CA LEU C 202 10.65 -14.24 37.45
C LEU C 202 10.28 -14.65 38.86
N LEU C 203 9.31 -15.53 38.96
CA LEU C 203 8.83 -15.94 40.27
C LEU C 203 8.44 -17.39 40.29
N PRO C 204 9.35 -18.26 40.75
CA PRO C 204 9.10 -19.68 40.84
C PRO C 204 7.90 -19.99 41.74
N GLN C 205 7.29 -21.13 41.46
CA GLN C 205 6.14 -21.64 42.19
C GLN C 205 6.35 -21.54 43.70
N ALA C 206 7.51 -22.03 44.14
CA ALA C 206 7.86 -22.03 45.54
C ALA C 206 7.96 -20.61 46.10
N ALA C 207 8.26 -19.63 45.25
CA ALA C 207 8.41 -18.26 45.74
C ALA C 207 7.08 -17.51 45.99
N TRP C 208 5.94 -18.10 45.64
CA TRP C 208 4.65 -17.45 45.93
C TRP C 208 3.59 -18.31 46.58
N GLN C 209 3.56 -19.59 46.28
CA GLN C 209 2.50 -20.42 46.85
C GLN C 209 2.59 -20.63 48.34
N ASN C 210 3.72 -20.29 48.93
CA ASN C 210 3.90 -20.49 50.36
C ASN C 210 3.75 -19.21 51.16
N GLU C 211 3.67 -18.08 50.46
CA GLU C 211 3.54 -16.78 51.10
C GLU C 211 2.08 -16.55 51.43
N SER C 212 1.73 -16.72 52.70
CA SER C 212 0.37 -16.55 53.17
C SER C 212 -0.34 -15.25 52.74
N SER C 213 0.38 -14.14 52.77
CA SER C 213 -0.23 -12.85 52.40
C SER C 213 -0.72 -12.76 50.96
N ILE C 214 -0.02 -13.42 50.04
CA ILE C 214 -0.38 -13.35 48.63
C ILE C 214 -1.77 -13.86 48.35
N GLU C 215 -2.56 -12.99 47.71
CA GLU C 215 -3.94 -13.31 47.39
C GLU C 215 -4.17 -13.58 45.90
N ILE C 216 -3.49 -12.80 45.06
CA ILE C 216 -3.66 -12.92 43.62
C ILE C 216 -2.37 -12.64 42.87
N VAL C 217 -2.07 -13.49 41.88
CA VAL C 217 -0.90 -13.25 41.05
C VAL C 217 -1.32 -13.00 39.60
N ALA C 218 -0.57 -12.15 38.88
CA ALA C 218 -0.89 -11.85 37.47
C ALA C 218 0.41 -11.80 36.68
N ASP C 219 0.42 -12.48 35.52
CA ASP C 219 1.60 -12.54 34.67
C ASP C 219 1.34 -12.11 33.21
N TYR C 220 2.12 -11.14 32.71
CA TYR C 220 1.97 -10.64 31.33
C TYR C 220 2.88 -11.31 30.27
N ASN C 221 3.63 -12.33 30.66
CA ASN C 221 4.52 -13.02 29.69
C ASN C 221 3.77 -14.25 29.22
N ALA C 222 3.43 -14.25 27.93
CA ALA C 222 2.65 -15.36 27.37
C ALA C 222 3.50 -16.56 26.89
N GLN C 223 4.81 -16.41 26.88
CA GLN C 223 5.61 -17.52 26.38
C GLN C 223 6.47 -18.22 27.43
N PRO C 224 6.24 -19.55 27.60
CA PRO C 224 6.92 -20.45 28.53
C PRO C 224 8.42 -20.42 28.29
N PRO C 225 9.23 -20.42 29.37
CA PRO C 225 8.75 -20.42 30.76
C PRO C 225 8.01 -19.11 31.08
N LEU C 226 6.89 -19.23 31.80
CA LEU C 226 6.09 -18.07 32.13
C LEU C 226 6.75 -17.23 33.20
N GLY C 227 6.32 -15.97 33.35
CA GLY C 227 6.91 -15.13 34.37
C GLY C 227 6.63 -15.70 35.75
N ILE C 228 5.47 -16.33 35.93
CA ILE C 228 5.12 -16.92 37.22
C ILE C 228 5.09 -18.44 37.11
N GLY C 229 5.87 -19.11 37.94
CA GLY C 229 5.88 -20.57 37.87
C GLY C 229 4.66 -21.19 38.53
N GLY C 230 4.23 -22.34 38.00
CA GLY C 230 3.09 -23.04 38.56
C GLY C 230 1.72 -22.73 38.00
N ILE C 231 1.65 -21.82 37.03
CA ILE C 231 0.34 -21.50 36.45
C ILE C 231 0.36 -21.77 34.97
N ASP C 232 -0.79 -21.59 34.34
CA ASP C 232 -0.93 -21.72 32.91
C ASP C 232 -1.28 -20.32 32.34
N ALA C 233 -0.76 -20.02 31.16
CA ALA C 233 -1.00 -18.74 30.53
C ALA C 233 -2.48 -18.40 30.39
N THR C 234 -3.32 -19.43 30.17
CA THR C 234 -4.76 -19.20 30.02
C THR C 234 -5.49 -19.03 31.36
N ASP C 235 -4.80 -19.20 32.49
CA ASP C 235 -5.49 -19.01 33.78
C ASP C 235 -6.15 -17.60 33.85
N LYS C 236 -7.35 -17.56 34.42
CA LYS C 236 -8.10 -16.33 34.58
C LYS C 236 -8.87 -16.42 35.90
N GLY C 237 -8.18 -16.22 37.02
CA GLY C 237 -8.84 -16.32 38.31
C GLY C 237 -8.83 -17.77 38.79
N LYS C 238 -8.04 -18.62 38.15
CA LYS C 238 -7.98 -20.01 38.57
C LYS C 238 -7.44 -20.08 39.99
N GLU C 239 -7.97 -21.01 40.78
CA GLU C 239 -7.53 -21.16 42.14
C GLU C 239 -6.38 -22.13 42.36
N TYR C 240 -5.43 -21.65 43.14
CA TYR C 240 -4.25 -22.41 43.54
C TYR C 240 -4.25 -22.22 45.07
N GLY C 241 -4.85 -23.19 45.75
CA GLY C 241 -4.94 -23.12 47.20
C GLY C 241 -5.97 -22.04 47.48
N GLY C 242 -5.61 -21.04 48.25
CA GLY C 242 -6.56 -19.97 48.48
C GLY C 242 -6.20 -18.75 47.64
N LYS C 243 -5.27 -18.93 46.70
CA LYS C 243 -4.81 -17.84 45.84
C LYS C 243 -5.41 -17.97 44.45
N ARG C 244 -5.43 -16.88 43.70
CA ARG C 244 -5.98 -16.90 42.33
C ARG C 244 -4.94 -16.42 41.32
N ALA C 245 -4.89 -17.06 40.18
CA ALA C 245 -3.89 -16.64 39.18
C ALA C 245 -4.50 -16.17 37.87
N PHE C 246 -3.83 -15.20 37.29
CA PHE C 246 -4.22 -14.62 36.01
C PHE C 246 -3.01 -14.75 35.08
N GLY C 247 -3.11 -15.62 34.10
CA GLY C 247 -2.03 -15.82 33.13
C GLY C 247 -2.12 -14.81 32.02
N ALA C 248 -1.06 -14.68 31.23
CA ALA C 248 -1.02 -13.68 30.17
C ALA C 248 -2.11 -13.79 29.09
N LEU C 249 -2.59 -15.00 28.83
CA LEU C 249 -3.60 -15.17 27.80
C LEU C 249 -4.98 -14.82 28.32
N GLY C 250 -5.24 -15.16 29.58
CA GLY C 250 -6.51 -14.80 30.20
C GLY C 250 -6.65 -13.27 30.19
N ILE C 251 -5.56 -12.57 30.55
CA ILE C 251 -5.54 -11.11 30.56
C ILE C 251 -5.65 -10.62 29.11
N GLY C 252 -4.92 -11.30 28.20
CA GLY C 252 -4.93 -10.92 26.80
C GLY C 252 -6.29 -10.96 26.12
N GLY C 253 -7.15 -11.88 26.52
CA GLY C 253 -8.48 -11.95 25.92
C GLY C 253 -9.28 -10.69 26.27
N LEU C 254 -9.16 -10.22 27.52
CA LEU C 254 -9.90 -9.02 27.92
C LEU C 254 -9.29 -7.82 27.20
N LYS C 255 -7.95 -7.78 27.15
CA LYS C 255 -7.25 -6.68 26.47
C LYS C 255 -7.73 -6.55 25.02
N LEU C 256 -7.93 -7.66 24.33
CA LEU C 256 -8.38 -7.58 22.94
C LEU C 256 -9.79 -7.00 22.86
N LYS C 257 -10.70 -7.45 23.72
CA LYS C 257 -12.06 -6.92 23.71
C LYS C 257 -12.07 -5.45 24.12
N LEU C 258 -11.16 -5.12 25.06
CA LEU C 258 -11.05 -3.76 25.53
C LEU C 258 -10.48 -2.83 24.45
N HIS C 259 -9.43 -3.27 23.75
CA HIS C 259 -8.81 -2.42 22.72
C HIS C 259 -9.89 -2.11 21.66
N ARG C 260 -10.57 -3.18 21.21
CA ARG C 260 -11.66 -2.96 20.25
C ARG C 260 -12.69 -1.94 20.73
N ALA C 261 -13.21 -2.15 21.93
CA ALA C 261 -14.20 -1.26 22.49
C ALA C 261 -13.72 0.17 22.58
N CYS C 262 -12.44 0.38 22.90
CA CYS C 262 -11.93 1.75 22.97
C CYS C 262 -11.99 2.45 21.63
N ILE C 263 -11.59 1.76 20.57
CA ILE C 263 -11.63 2.37 19.24
C ILE C 263 -13.08 2.81 18.98
N ALA C 264 -14.04 1.95 19.29
CA ALA C 264 -15.43 2.32 19.05
C ALA C 264 -15.81 3.59 19.82
N LYS C 265 -15.28 3.72 21.04
CA LYS C 265 -15.57 4.92 21.86
C LYS C 265 -15.03 6.21 21.25
N LEU C 266 -13.97 6.12 20.47
CA LEU C 266 -13.36 7.30 19.85
C LEU C 266 -14.31 8.02 18.92
N PHE C 267 -15.26 7.27 18.36
CA PHE C 267 -16.19 7.84 17.44
C PHE C 267 -17.53 8.28 18.01
N GLU C 268 -17.69 8.19 19.34
CA GLU C 268 -18.94 8.60 19.98
C GLU C 268 -18.88 10.03 20.46
N SER C 269 -17.73 10.67 20.32
CA SER C 269 -17.57 12.07 20.70
C SER C 269 -16.30 12.60 20.05
N SER C 270 -16.09 13.90 20.06
CA SER C 270 -14.88 14.42 19.42
C SER C 270 -13.93 14.97 20.47
N GLU C 271 -14.13 14.58 21.71
CA GLU C 271 -13.28 15.11 22.78
C GLU C 271 -12.68 14.04 23.70
N GLY C 272 -12.81 12.78 23.30
CA GLY C 272 -12.27 11.72 24.14
C GLY C 272 -10.75 11.70 24.12
N VAL C 273 -10.14 11.36 25.24
CA VAL C 273 -8.71 11.24 25.36
C VAL C 273 -8.53 9.90 26.11
N PHE C 274 -8.15 8.88 25.34
CA PHE C 274 -7.98 7.54 25.92
C PHE C 274 -6.53 7.18 26.15
N ASP C 275 -6.07 7.52 27.35
CA ASP C 275 -4.74 7.15 27.78
C ASP C 275 -5.06 6.17 28.93
N ALA C 276 -4.09 5.93 29.81
CA ALA C 276 -4.27 4.97 30.88
C ALA C 276 -5.56 5.06 31.68
N GLU C 277 -5.84 6.22 32.24
CA GLU C 277 -7.01 6.34 33.10
C GLU C 277 -8.36 6.00 32.44
N GLU C 278 -8.62 6.60 31.28
CA GLU C 278 -9.89 6.37 30.59
C GLU C 278 -10.01 4.92 30.12
N ILE C 279 -8.90 4.37 29.64
CA ILE C 279 -8.91 2.98 29.16
C ILE C 279 -9.21 2.08 30.36
N TYR C 280 -8.59 2.38 31.49
CA TYR C 280 -8.83 1.60 32.70
C TYR C 280 -10.27 1.67 33.16
N LYS C 281 -10.88 2.86 33.04
CA LYS C 281 -12.26 2.97 33.50
C LYS C 281 -13.13 2.03 32.65
N LEU C 282 -12.85 1.98 31.35
CA LEU C 282 -13.61 1.09 30.47
C LEU C 282 -13.29 -0.37 30.80
N ALA C 283 -12.04 -0.67 31.12
CA ALA C 283 -11.62 -2.04 31.45
C ALA C 283 -12.42 -2.53 32.69
N LYS C 284 -12.64 -1.66 33.68
CA LYS C 284 -13.43 -2.08 34.83
C LYS C 284 -14.91 -2.34 34.44
N GLU C 285 -15.43 -1.60 33.47
CA GLU C 285 -16.81 -1.85 33.07
C GLU C 285 -16.88 -3.19 32.34
N MET C 286 -15.82 -3.59 31.64
CA MET C 286 -15.81 -4.84 30.86
C MET C 286 -15.27 -6.12 31.53
N ALA C 287 -14.41 -5.98 32.54
CA ALA C 287 -13.80 -7.14 33.19
C ALA C 287 -14.85 -8.19 33.63
#